data_4C8Q
#
_entry.id   4C8Q
#
_cell.length_a   258.687
_cell.length_b   258.687
_cell.length_c   47.103
_cell.angle_alpha   90.00
_cell.angle_beta   90.00
_cell.angle_gamma   120.00
#
_symmetry.space_group_name_H-M   'P 63'
#
loop_
_entity.id
_entity.type
_entity.pdbx_description
1 polymer 'SM-LIKE PROTEIN LSM1'
2 polymer 'U6 SNRNA-ASSOCIATED SM-LIKE PROTEIN LSM2'
3 polymer 'U6 SNRNA-ASSOCIATED SM-LIKE PROTEIN LSM3'
4 polymer 'U6 SNRNA-ASSOCIATED SM-LIKE PROTEIN LSM4'
5 polymer 'U6 SNRNA-ASSOCIATED SM-LIKE PROTEIN LSM5'
6 polymer 'U6 SNRNA-ASSOCIATED SM-LIKE PROTEIN LSM6'
7 polymer 'U6 SNRNA-ASSOCIATED SM-LIKE PROTEIN LSM7'
8 polymer 'DNA TOPOISOMERASE 2-ASSOCIATED PROTEIN PAT1'
9 non-polymer 'COBALT (II) ION'
#
loop_
_entity_poly.entity_id
_entity_poly.type
_entity_poly.pdbx_seq_one_letter_code
_entity_poly.pdbx_strand_id
1 'polypeptide(L)'
;AIVSSVDRKIFVLLRDGRMLFGVLRTFDQYANLILQDCVERIYFSEENKYAEEDRGIFMIRGENVVMLGEVDIDKEDQPL
EAMERIPFKEAWLTKQKNDEK
;
A
2 'polypeptide(L)'
;SENLYFQGSGSLFFSFFKTLVDQEVVVELKNDIEIKGTLQSVDQFLNLKLDNISCTDEKKYPHLGSVRNIFIRGSTVRYV
YLNKNMVDTNLLQDATRREVMTERK
;
B
3 'polypeptide(L)'
;METPLDLLKLNLDERVYIKLRGARTLVGTLQAFDSHCNIVLSDAVETIYQLNNEELSESERRCEMVFIRGDTVTLISTPS
EDDDGAVEI
;
C
4 'polypeptide(L)'
;MLPLYLLTNAKGQQMQIELKNGEIIQGILTNVDNWMNLTLSNVTEYSEESAINSEDNAESSKAVKLNEIYIRGTFIKFIK
LQDNIIDKVKQQINSNNNSNSNGPGHKRYYNNRD
;
D
5 'polypeptide(L)'
;MSLPEILPLEVIDKTINQKVLIVLQSNREFEGTLVGFDDFVNVILEDAVEWLIDPEDESRNEKVMQHHGRMLLSGNNIAI
LVPGGKKTPTEAL
;
E
6 'polypeptide(L)'
;MSGKASTEGSVTTEFLSDIIGKTVNVKLASGLLYSGRLESIDGFMNVALSSATEHYESNNNKLLNKFNSDVFLRGTQVMY
ISEQKI
;
F
7 'polypeptide(L)'
;MHQQHSKSENKPQQQRKKFEGPKREAILDLAKYKDSKIRVKLMGGKLVIGVLKGYDQLMNLVLDDTVEYMSNPDDENNTE
LISKNARKLGLTVIRGTILVSLSSAEGSDVLYMQK
;
G
8 'polypeptide(L)'
;SSYAFNNGNGATNLNKSGGKKFILELIETVYEEILDLEANLRNGQQTDSTAMWEALHIDDSSYDVNPFISMLSFDKGIKI
MPRIFNFLDKQQKLKILQKIFNELSHLQIIILSSYKTTPKPTLTQLKKVDLFQMIILKIIVSFLSNNSNFIEIMGLLLQL
IRNNNVSFLTTSKIGLNLITILISRAALIKQDSSRSNILSSPEISTWNEIYDKLFTSLESKIQLIFPPREYNDHIMRLQN
DKFMDEAYIWQFLASLALSGKLNHQRIIIDEVRDEIFATINEAETLQKKEKELSVLPQRSQELDTELKSIIYNKEKLYQD
LNLFLNVM
;
H
#
loop_
_chem_comp.id
_chem_comp.type
_chem_comp.name
_chem_comp.formula
CO non-polymer 'COBALT (II) ION' 'Co 2'
#
# COMPACT_ATOMS: atom_id res chain seq x y z
N VAL A 6 23.81 -6.55 -27.57
CA VAL A 6 22.60 -7.09 -26.96
C VAL A 6 22.21 -8.40 -27.64
N ASP A 7 23.21 -9.25 -27.81
CA ASP A 7 23.12 -10.57 -28.44
C ASP A 7 23.67 -11.55 -27.41
N ARG A 8 22.81 -12.01 -26.51
CA ARG A 8 23.23 -12.87 -25.41
C ARG A 8 22.37 -14.12 -25.29
N LYS A 9 22.95 -15.19 -24.75
CA LYS A 9 22.19 -16.38 -24.40
C LYS A 9 21.71 -16.26 -22.96
N ILE A 10 20.41 -16.44 -22.77
CA ILE A 10 19.75 -16.30 -21.48
C ILE A 10 18.75 -17.41 -21.14
N PHE A 11 18.32 -17.44 -19.88
CA PHE A 11 17.09 -18.14 -19.53
C PHE A 11 15.97 -17.17 -19.18
N VAL A 12 14.73 -17.58 -19.40
CA VAL A 12 13.56 -16.81 -19.01
C VAL A 12 12.57 -17.70 -18.27
N LEU A 13 12.03 -17.21 -17.16
CA LEU A 13 10.91 -17.88 -16.49
C LEU A 13 9.64 -17.05 -16.70
N LEU A 14 8.60 -17.71 -17.19
CA LEU A 14 7.32 -17.07 -17.47
C LEU A 14 6.31 -17.21 -16.33
N ARG A 15 5.28 -16.39 -16.40
CA ARG A 15 4.24 -16.32 -15.37
C ARG A 15 3.52 -17.65 -15.10
N ASP A 16 3.36 -18.47 -16.14
CA ASP A 16 2.65 -19.73 -15.99
C ASP A 16 3.47 -20.85 -15.36
N GLY A 17 4.77 -20.61 -15.23
CA GLY A 17 5.68 -21.49 -14.52
C GLY A 17 6.64 -22.24 -15.44
N ARG A 18 6.48 -22.08 -16.75
CA ARG A 18 7.35 -22.78 -17.69
C ARG A 18 8.65 -21.99 -17.89
N MET A 19 9.73 -22.73 -18.09
CA MET A 19 11.05 -22.16 -18.39
C MET A 19 11.47 -22.25 -19.86
N LEU A 20 11.81 -21.11 -20.47
CA LEU A 20 12.35 -21.11 -21.82
C LEU A 20 13.84 -20.78 -21.77
N PHE A 21 14.66 -21.39 -22.64
CA PHE A 21 16.05 -21.00 -22.82
C PHE A 21 16.48 -20.62 -24.26
N GLY A 22 17.20 -19.52 -24.48
CA GLY A 22 17.65 -19.18 -25.83
C GLY A 22 18.64 -18.03 -25.95
N VAL A 23 18.79 -17.44 -27.13
CA VAL A 23 19.61 -16.23 -27.29
C VAL A 23 18.77 -15.05 -27.73
N LEU A 24 18.82 -13.95 -26.99
CA LEU A 24 17.87 -12.86 -27.16
C LEU A 24 18.19 -11.88 -28.27
N ARG A 25 17.15 -11.21 -28.76
CA ARG A 25 17.30 -10.04 -29.60
C ARG A 25 16.11 -9.10 -29.46
N THR A 26 16.35 -7.81 -29.67
CA THR A 26 15.26 -6.86 -29.76
C THR A 26 14.34 -6.92 -28.55
N PHE A 27 14.91 -6.78 -27.36
CA PHE A 27 14.11 -6.98 -26.16
C PHE A 27 14.16 -5.84 -25.17
N ASP A 28 13.13 -5.80 -24.32
CA ASP A 28 13.13 -4.99 -23.11
C ASP A 28 12.62 -3.54 -23.19
N GLN A 29 12.06 -3.11 -24.32
CA GLN A 29 11.47 -1.77 -24.36
C GLN A 29 10.36 -1.79 -23.32
N TYR A 30 9.62 -2.89 -23.37
CA TYR A 30 8.78 -3.41 -22.29
C TYR A 30 9.32 -4.72 -21.70
N ALA A 31 10.48 -5.17 -22.20
CA ALA A 31 11.03 -6.45 -21.82
C ALA A 31 10.46 -7.57 -22.68
N ASN A 32 9.59 -7.19 -23.60
CA ASN A 32 9.03 -8.09 -24.59
C ASN A 32 10.23 -8.69 -25.31
N LEU A 33 10.30 -10.00 -25.49
CA LEU A 33 11.52 -10.57 -26.03
C LEU A 33 11.33 -11.41 -27.30
N ILE A 34 12.33 -11.37 -28.20
CA ILE A 34 12.41 -12.31 -29.31
C ILE A 34 13.68 -13.16 -29.16
N LEU A 35 13.47 -14.46 -29.04
CA LEU A 35 14.50 -15.47 -28.87
C LEU A 35 14.65 -16.48 -30.00
N GLN A 36 15.88 -16.97 -30.21
CA GLN A 36 16.16 -17.91 -31.27
C GLN A 36 16.50 -19.23 -30.57
N ASP A 37 16.27 -20.33 -31.27
CA ASP A 37 16.61 -21.66 -30.76
C ASP A 37 16.20 -21.87 -29.31
N CYS A 38 14.96 -21.50 -28.98
CA CYS A 38 14.46 -21.70 -27.63
C CYS A 38 14.29 -23.16 -27.28
N VAL A 39 14.42 -23.43 -25.98
CA VAL A 39 14.18 -24.74 -25.44
C VAL A 39 13.32 -24.56 -24.20
N GLU A 40 12.23 -25.32 -24.11
CA GLU A 40 11.49 -25.37 -22.86
C GLU A 40 12.03 -26.53 -22.04
N ARG A 41 12.46 -26.23 -20.83
CA ARG A 41 13.06 -27.23 -19.97
C ARG A 41 12.22 -27.30 -18.70
N ILE A 42 11.95 -28.53 -18.28
CA ILE A 42 11.24 -28.78 -17.03
C ILE A 42 12.12 -29.62 -16.12
N TYR A 43 12.26 -29.18 -14.88
CA TYR A 43 13.03 -29.94 -13.91
C TYR A 43 12.14 -30.54 -12.81
N PHE A 44 12.47 -31.77 -12.42
CA PHE A 44 12.09 -32.35 -11.12
C PHE A 44 13.29 -32.89 -10.37
N SER A 45 13.82 -32.13 -9.41
CA SER A 45 14.97 -32.58 -8.64
C SER A 45 14.63 -33.73 -7.69
N GLU A 46 13.35 -33.88 -7.35
CA GLU A 46 12.91 -34.93 -6.42
C GLU A 46 12.96 -36.33 -7.01
N GLU A 47 13.21 -36.44 -8.31
CA GLU A 47 13.32 -37.74 -8.95
C GLU A 47 14.50 -37.84 -9.91
N ASN A 48 15.37 -36.84 -9.88
CA ASN A 48 16.55 -36.81 -10.74
C ASN A 48 16.13 -36.92 -12.20
N LYS A 49 15.04 -36.25 -12.55
CA LYS A 49 14.60 -36.18 -13.95
C LYS A 49 14.35 -34.77 -14.45
N TYR A 50 14.28 -34.71 -15.76
CA TYR A 50 14.02 -33.52 -16.54
C TYR A 50 13.45 -33.81 -17.93
N ALA A 51 13.05 -32.78 -18.65
CA ALA A 51 12.44 -32.94 -19.96
C ALA A 51 12.63 -31.73 -20.85
N GLU A 52 12.79 -31.98 -22.14
CA GLU A 52 12.93 -30.94 -23.16
C GLU A 52 12.04 -31.01 -24.40
N GLU A 53 11.95 -29.87 -25.10
CA GLU A 53 11.32 -29.78 -26.40
C GLU A 53 11.77 -28.46 -27.03
N ASP A 54 12.09 -28.52 -28.31
CA ASP A 54 12.58 -27.34 -29.02
C ASP A 54 11.60 -26.29 -29.53
N ARG A 55 12.04 -25.04 -29.42
CA ARG A 55 11.26 -23.88 -29.82
C ARG A 55 12.16 -23.06 -30.74
N GLY A 56 11.85 -22.94 -32.02
CA GLY A 56 12.77 -22.21 -32.85
C GLY A 56 12.79 -20.73 -32.52
N ILE A 57 11.99 -19.95 -33.21
CA ILE A 57 11.97 -18.52 -32.95
C ILE A 57 10.79 -18.23 -32.06
N PHE A 58 11.05 -17.60 -30.92
CA PHE A 58 9.98 -17.20 -29.96
C PHE A 58 9.88 -15.70 -29.79
N MET A 59 8.68 -15.19 -30.01
CA MET A 59 8.24 -13.85 -29.60
C MET A 59 7.41 -13.80 -28.33
N ILE A 60 7.85 -13.02 -27.34
CA ILE A 60 7.11 -12.96 -26.07
C ILE A 60 6.57 -11.57 -25.78
N ARG A 61 5.28 -11.54 -25.44
CA ARG A 61 4.58 -10.33 -25.02
C ARG A 61 5.00 -10.02 -23.59
N GLY A 62 5.38 -8.77 -23.35
CA GLY A 62 5.97 -8.37 -22.09
C GLY A 62 5.24 -8.59 -20.77
N GLU A 63 3.90 -8.56 -20.76
CA GLU A 63 3.23 -8.83 -19.48
C GLU A 63 3.42 -10.25 -18.96
N ASN A 64 3.81 -11.16 -19.85
CA ASN A 64 4.07 -12.55 -19.44
C ASN A 64 5.46 -12.93 -18.96
N VAL A 65 6.42 -12.01 -18.95
CA VAL A 65 7.69 -12.43 -18.43
C VAL A 65 7.77 -12.05 -16.96
N VAL A 66 8.28 -12.97 -16.16
CA VAL A 66 8.54 -12.72 -14.76
C VAL A 66 9.95 -12.20 -14.57
N MET A 67 10.92 -13.05 -14.88
CA MET A 67 12.33 -12.67 -14.81
C MET A 67 13.20 -13.38 -15.84
N LEU A 68 14.33 -12.77 -16.16
CA LEU A 68 15.34 -13.39 -17.01
C LEU A 68 16.78 -13.04 -16.61
N GLY A 69 17.73 -13.84 -17.08
CA GLY A 69 19.13 -13.58 -16.78
C GLY A 69 20.08 -14.45 -17.57
N GLU A 70 21.26 -13.90 -17.86
CA GLU A 70 22.29 -14.63 -18.60
C GLU A 70 22.85 -15.87 -17.91
N VAL A 71 23.05 -16.92 -18.69
CA VAL A 71 23.44 -18.21 -18.14
C VAL A 71 24.62 -18.71 -18.97
N ASP A 72 25.40 -19.64 -18.43
CA ASP A 72 26.37 -20.32 -19.26
C ASP A 72 25.89 -21.76 -19.41
N ILE A 73 25.39 -22.08 -20.60
CA ILE A 73 24.71 -23.35 -20.88
C ILE A 73 25.56 -24.56 -20.53
N ASP A 74 26.79 -24.55 -21.05
CA ASP A 74 27.78 -25.59 -20.79
C ASP A 74 28.04 -25.89 -19.31
N LYS A 75 28.21 -24.88 -18.46
CA LYS A 75 28.42 -25.15 -17.04
C LYS A 75 27.21 -25.88 -16.46
N GLU A 76 26.02 -25.52 -16.92
CA GLU A 76 24.79 -26.14 -16.44
C GLU A 76 24.56 -27.53 -17.04
N ASP A 77 25.31 -27.89 -18.07
CA ASP A 77 25.06 -29.21 -18.67
C ASP A 77 25.41 -30.41 -17.80
N GLN A 78 26.54 -30.34 -17.12
CA GLN A 78 27.09 -31.52 -16.47
C GLN A 78 26.09 -32.02 -15.48
N PRO A 79 25.43 -31.01 -14.77
CA PRO A 79 24.39 -31.52 -13.85
C PRO A 79 23.36 -32.22 -14.69
N LEU A 80 23.09 -31.65 -15.85
CA LEU A 80 22.11 -32.24 -16.71
C LEU A 80 22.49 -33.69 -16.90
N GLU A 81 23.78 -33.94 -17.03
CA GLU A 81 24.25 -35.26 -17.42
C GLU A 81 23.89 -36.38 -16.45
N ALA A 82 24.03 -36.13 -15.14
CA ALA A 82 23.79 -37.19 -14.17
C ALA A 82 22.32 -37.48 -13.92
N MET A 83 21.45 -36.85 -14.70
CA MET A 83 20.02 -37.00 -14.49
C MET A 83 19.45 -37.70 -15.73
N GLU A 84 18.39 -38.47 -15.51
CA GLU A 84 17.67 -39.17 -16.57
C GLU A 84 16.65 -38.33 -17.32
N ARG A 85 16.85 -38.16 -18.62
CA ARG A 85 15.88 -37.43 -19.40
C ARG A 85 14.71 -38.39 -19.57
N ILE A 86 13.55 -37.92 -19.12
CA ILE A 86 12.28 -38.61 -19.25
C ILE A 86 11.43 -37.95 -20.31
N PRO A 87 10.35 -38.62 -20.74
CA PRO A 87 9.56 -38.02 -21.81
C PRO A 87 8.86 -36.72 -21.39
N PHE A 88 8.77 -35.81 -22.34
CA PHE A 88 8.22 -34.46 -22.14
C PHE A 88 6.77 -34.56 -21.67
N LYS A 89 6.03 -35.48 -22.28
CA LYS A 89 4.63 -35.74 -21.98
C LYS A 89 4.44 -36.05 -20.50
N GLU A 90 5.29 -36.92 -19.96
CA GLU A 90 5.26 -37.25 -18.55
C GLU A 90 5.47 -36.02 -17.69
N ALA A 91 6.37 -35.14 -18.12
CA ALA A 91 6.67 -33.95 -17.34
C ALA A 91 5.50 -32.99 -17.34
N TRP A 92 4.85 -32.82 -18.49
CA TRP A 92 3.69 -31.94 -18.57
C TRP A 92 2.55 -32.42 -17.69
N LEU A 93 2.39 -33.74 -17.61
CA LEU A 93 1.29 -34.32 -16.84
C LEU A 93 1.62 -34.26 -15.35
N THR A 94 2.88 -34.55 -15.04
CA THR A 94 3.44 -34.42 -13.71
C THR A 94 3.31 -32.99 -13.21
N LYS A 95 3.66 -32.05 -14.08
CA LYS A 95 3.64 -30.63 -13.73
C LYS A 95 2.23 -30.20 -13.37
N GLN A 96 1.26 -30.60 -14.18
CA GLN A 96 -0.13 -30.29 -13.83
C GLN A 96 -0.51 -30.92 -12.49
N LYS A 97 0.09 -32.07 -12.18
CA LYS A 97 -0.12 -32.73 -10.89
C LYS A 97 0.52 -31.94 -9.76
N ASN A 98 1.74 -31.47 -10.01
CA ASN A 98 2.50 -30.66 -9.08
C ASN A 98 1.88 -29.28 -8.85
N ASP A 99 1.23 -28.75 -9.89
CA ASP A 99 0.56 -27.46 -9.79
C ASP A 99 -0.95 -27.62 -9.94
N SER B 1 14.21 24.30 -0.87
CA SER B 1 14.42 23.17 0.04
C SER B 1 13.98 21.85 -0.59
N GLU B 2 14.88 21.26 -1.37
CA GLU B 2 14.57 20.10 -2.21
C GLU B 2 15.36 18.87 -1.78
N ASN B 3 14.67 17.75 -1.57
CA ASN B 3 15.30 16.52 -1.06
C ASN B 3 15.46 15.43 -2.13
N LEU B 4 16.32 14.44 -1.86
CA LEU B 4 16.60 13.35 -2.82
C LEU B 4 15.47 12.39 -3.18
N TYR B 5 14.56 12.16 -2.24
CA TYR B 5 13.32 11.42 -2.46
C TYR B 5 12.29 12.24 -3.26
N PHE B 6 12.75 13.28 -3.93
CA PHE B 6 11.87 14.19 -4.67
C PHE B 6 12.45 14.92 -5.87
N GLN B 7 12.06 14.46 -7.06
CA GLN B 7 12.59 14.99 -8.31
C GLN B 7 11.48 15.70 -9.09
N GLY B 8 10.29 15.12 -9.12
CA GLY B 8 9.19 15.69 -9.87
C GLY B 8 7.91 14.99 -9.51
N SER B 9 6.85 15.31 -10.24
CA SER B 9 5.48 14.96 -9.85
C SER B 9 5.30 13.46 -9.69
N GLY B 10 5.44 12.70 -10.78
CA GLY B 10 5.07 11.29 -10.75
C GLY B 10 6.21 10.28 -10.70
N SER B 11 7.33 10.67 -10.11
CA SER B 11 8.54 9.84 -10.11
C SER B 11 8.99 9.48 -8.69
N LEU B 12 8.05 9.48 -7.74
CA LEU B 12 8.39 9.21 -6.33
C LEU B 12 9.17 7.95 -6.00
N PHE B 13 8.61 6.79 -6.32
CA PHE B 13 9.26 5.53 -5.92
C PHE B 13 10.46 5.27 -6.82
N PHE B 14 10.45 5.86 -8.01
CA PHE B 14 11.58 5.77 -8.91
C PHE B 14 12.78 6.45 -8.27
N SER B 15 12.57 7.61 -7.67
CA SER B 15 13.69 8.30 -7.05
C SER B 15 14.07 7.54 -5.78
N PHE B 16 13.07 6.94 -5.14
CA PHE B 16 13.30 6.21 -3.90
C PHE B 16 14.24 5.03 -4.18
N PHE B 17 13.97 4.29 -5.25
CA PHE B 17 14.81 3.13 -5.57
C PHE B 17 16.16 3.58 -6.09
N LYS B 18 16.18 4.65 -6.87
CA LYS B 18 17.44 5.20 -7.35
C LYS B 18 18.34 5.53 -6.16
N THR B 19 17.73 5.78 -5.01
CA THR B 19 18.45 5.99 -3.76
C THR B 19 19.03 4.69 -3.20
N LEU B 20 18.45 3.57 -3.60
CA LEU B 20 18.87 2.28 -3.07
C LEU B 20 19.84 1.57 -4.00
N VAL B 21 20.23 2.23 -5.09
CA VAL B 21 21.15 1.62 -6.03
C VAL B 21 22.50 1.37 -5.36
N ASP B 22 23.02 0.17 -5.59
CA ASP B 22 24.30 -0.34 -5.07
C ASP B 22 24.15 -0.83 -3.63
N GLN B 23 22.91 -0.90 -3.15
CA GLN B 23 22.64 -1.47 -1.84
C GLN B 23 22.13 -2.89 -1.99
N GLU B 24 22.43 -3.74 -1.00
CA GLU B 24 21.91 -5.11 -1.01
C GLU B 24 20.48 -5.20 -0.47
N VAL B 25 19.56 -5.61 -1.33
CA VAL B 25 18.16 -5.82 -0.93
C VAL B 25 17.72 -7.25 -1.20
N VAL B 26 16.52 -7.59 -0.75
CA VAL B 26 15.90 -8.86 -1.11
C VAL B 26 14.54 -8.61 -1.73
N VAL B 27 14.33 -9.18 -2.93
CA VAL B 27 13.07 -9.04 -3.64
C VAL B 27 12.24 -10.30 -3.68
N GLU B 28 11.01 -10.20 -3.21
CA GLU B 28 10.07 -11.31 -3.20
C GLU B 28 9.02 -11.07 -4.26
N LEU B 29 8.68 -12.09 -5.03
CA LEU B 29 7.80 -11.89 -6.17
C LEU B 29 6.40 -12.39 -5.86
N LYS B 30 5.46 -12.08 -6.73
CA LYS B 30 4.07 -12.45 -6.53
C LYS B 30 3.87 -13.97 -6.51
N ASN B 31 4.81 -14.70 -7.11
CA ASN B 31 4.75 -16.15 -7.12
C ASN B 31 5.54 -16.83 -5.99
N ASP B 32 5.93 -16.01 -5.02
CA ASP B 32 6.58 -16.44 -3.77
C ASP B 32 8.12 -16.58 -3.85
N ILE B 33 8.68 -16.47 -5.03
CA ILE B 33 10.14 -16.58 -5.17
C ILE B 33 10.90 -15.43 -4.52
N GLU B 34 11.86 -15.76 -3.65
CA GLU B 34 12.69 -14.73 -3.02
C GLU B 34 14.11 -14.72 -3.59
N ILE B 35 14.61 -13.53 -3.90
CA ILE B 35 15.94 -13.37 -4.48
C ILE B 35 16.80 -12.36 -3.72
N LYS B 36 17.88 -12.79 -3.07
CA LYS B 36 18.77 -11.83 -2.44
C LYS B 36 19.76 -11.30 -3.49
N GLY B 37 20.06 -10.00 -3.45
CA GLY B 37 20.97 -9.43 -4.43
C GLY B 37 21.34 -7.96 -4.26
N THR B 38 22.23 -7.48 -5.13
CA THR B 38 22.62 -6.08 -5.10
C THR B 38 21.95 -5.29 -6.22
N LEU B 39 21.25 -4.22 -5.90
CA LEU B 39 20.58 -3.39 -6.91
C LEU B 39 21.53 -2.64 -7.83
N GLN B 40 21.35 -2.77 -9.15
CA GLN B 40 22.26 -2.11 -10.10
C GLN B 40 21.54 -1.05 -10.91
N SER B 41 20.23 -1.23 -11.13
CA SER B 41 19.41 -0.15 -11.67
C SER B 41 17.90 -0.39 -11.55
N VAL B 42 17.13 0.69 -11.72
CA VAL B 42 15.66 0.66 -11.79
C VAL B 42 15.16 1.51 -12.97
N ASP B 43 13.91 1.36 -13.43
CA ASP B 43 13.35 2.27 -14.44
C ASP B 43 12.06 2.88 -13.92
N GLN B 44 11.43 3.72 -14.74
CA GLN B 44 10.18 4.36 -14.38
C GLN B 44 9.04 3.39 -14.05
N PHE B 45 9.13 2.15 -14.50
CA PHE B 45 8.09 1.16 -14.19
C PHE B 45 8.51 0.31 -13.00
N LEU B 46 9.66 0.65 -12.42
CA LEU B 46 10.23 -0.09 -11.31
C LEU B 46 10.57 -1.54 -11.64
N ASN B 47 11.01 -1.80 -12.86
CA ASN B 47 11.71 -3.06 -13.08
C ASN B 47 13.09 -3.01 -12.42
N LEU B 48 13.53 -4.14 -11.89
CA LEU B 48 14.79 -4.20 -11.16
C LEU B 48 15.80 -5.15 -11.82
N LYS B 49 17.05 -4.74 -11.89
CA LYS B 49 18.13 -5.66 -12.25
C LYS B 49 19.00 -5.92 -11.03
N LEU B 50 19.01 -7.16 -10.54
CA LEU B 50 19.84 -7.48 -9.40
C LEU B 50 21.14 -8.16 -9.80
N ASP B 51 22.25 -7.64 -9.31
CA ASP B 51 23.56 -8.26 -9.47
C ASP B 51 23.92 -9.21 -8.32
N ASN B 52 24.82 -10.15 -8.61
CA ASN B 52 25.40 -11.05 -7.61
C ASN B 52 24.38 -11.61 -6.63
N ILE B 53 23.46 -12.40 -7.14
CA ILE B 53 22.35 -12.87 -6.33
C ILE B 53 22.71 -14.02 -5.39
N SER B 54 21.90 -14.20 -4.36
CA SER B 54 21.95 -15.38 -3.51
C SER B 54 20.52 -15.81 -3.29
N CYS B 55 20.28 -17.11 -3.14
CA CYS B 55 18.90 -17.60 -3.15
C CYS B 55 18.51 -18.78 -2.26
N THR B 56 17.21 -18.87 -2.05
CA THR B 56 16.52 -19.96 -1.36
C THR B 56 15.87 -20.88 -2.43
N ASP B 57 16.42 -22.06 -2.68
CA ASP B 57 15.84 -22.90 -3.75
C ASP B 57 14.35 -23.20 -3.51
N GLU B 58 13.69 -23.72 -4.54
CA GLU B 58 12.23 -23.78 -4.53
C GLU B 58 11.61 -24.98 -5.22
N LYS B 59 10.37 -25.26 -4.85
CA LYS B 59 9.62 -26.37 -5.40
C LYS B 59 9.59 -26.21 -6.92
N LYS B 60 9.24 -25.01 -7.39
CA LYS B 60 9.02 -24.79 -8.81
C LYS B 60 10.34 -24.46 -9.51
N TYR B 61 11.34 -24.33 -8.66
CA TYR B 61 12.58 -23.75 -9.02
C TYR B 61 13.76 -24.64 -9.37
N PRO B 62 14.29 -24.40 -10.55
CA PRO B 62 15.46 -25.14 -11.01
C PRO B 62 16.58 -24.15 -10.87
N HIS B 63 17.72 -24.53 -10.33
CA HIS B 63 18.76 -23.56 -10.03
C HIS B 63 19.86 -23.51 -11.08
N LEU B 64 20.07 -22.33 -11.65
CA LEU B 64 21.07 -22.19 -12.69
C LEU B 64 22.37 -21.72 -12.11
N GLY B 65 23.31 -22.63 -11.92
CA GLY B 65 24.54 -22.21 -11.29
C GLY B 65 25.33 -21.04 -11.88
N SER B 66 25.16 -20.76 -13.16
CA SER B 66 25.94 -19.67 -13.73
C SER B 66 25.29 -18.31 -13.55
N VAL B 67 24.02 -18.26 -13.14
CA VAL B 67 23.40 -16.96 -13.00
C VAL B 67 23.78 -16.13 -11.76
N ARG B 68 24.37 -14.97 -12.05
CA ARG B 68 24.78 -13.92 -11.13
C ARG B 68 23.92 -12.67 -11.21
N ASN B 69 23.31 -12.44 -12.36
CA ASN B 69 22.52 -11.23 -12.54
C ASN B 69 21.17 -11.51 -13.19
N ILE B 70 20.12 -10.97 -12.60
CA ILE B 70 18.78 -11.12 -13.14
C ILE B 70 18.08 -9.80 -13.46
N PHE B 71 17.25 -9.82 -14.52
CA PHE B 71 16.35 -8.71 -14.80
C PHE B 71 14.99 -9.06 -14.21
N ILE B 72 14.30 -8.13 -13.57
CA ILE B 72 13.01 -8.49 -13.00
C ILE B 72 11.90 -7.55 -13.45
N ARG B 73 10.84 -8.10 -14.02
CA ARG B 73 9.74 -7.29 -14.49
C ARG B 73 9.01 -6.70 -13.28
N GLY B 74 8.95 -5.39 -13.22
CA GLY B 74 8.38 -4.68 -12.07
C GLY B 74 7.00 -5.20 -11.69
N SER B 75 6.15 -5.33 -12.70
CA SER B 75 4.78 -5.82 -12.52
C SER B 75 4.63 -7.19 -11.88
N THR B 76 5.72 -7.92 -11.67
CA THR B 76 5.63 -9.24 -11.03
C THR B 76 6.11 -9.25 -9.57
N VAL B 77 6.61 -8.11 -9.09
CA VAL B 77 7.06 -7.99 -7.71
C VAL B 77 5.92 -7.86 -6.69
N ARG B 78 6.08 -8.55 -5.55
CA ARG B 78 5.20 -8.35 -4.42
C ARG B 78 5.84 -7.41 -3.43
N TYR B 79 6.97 -7.84 -2.88
CA TYR B 79 7.71 -7.02 -1.93
C TYR B 79 9.13 -6.69 -2.37
N VAL B 80 9.66 -5.58 -1.86
CA VAL B 80 11.10 -5.38 -1.81
C VAL B 80 11.47 -5.07 -0.36
N TYR B 81 12.07 -6.03 0.33
CA TYR B 81 12.46 -5.87 1.75
C TYR B 81 13.70 -5.03 2.00
N LEU B 82 13.64 -4.09 2.95
CA LEU B 82 14.83 -3.31 3.26
C LEU B 82 15.13 -3.31 4.75
N ASN B 83 16.26 -2.70 5.09
CA ASN B 83 16.68 -2.37 6.46
C ASN B 83 16.44 -0.89 6.76
N LYS B 84 16.03 -0.58 7.99
CA LYS B 84 15.86 0.83 8.38
C LYS B 84 17.03 1.80 8.16
N ASN B 85 18.28 1.34 8.25
CA ASN B 85 19.43 2.23 7.98
C ASN B 85 19.36 2.92 6.62
N MET B 86 18.80 2.28 5.60
CA MET B 86 18.92 2.78 4.23
C MET B 86 18.05 3.99 3.93
N VAL B 87 17.12 4.32 4.82
CA VAL B 87 16.16 5.36 4.48
C VAL B 87 15.94 6.39 5.60
N ASP B 88 15.91 7.66 5.19
CA ASP B 88 15.50 8.77 6.05
C ASP B 88 14.00 8.84 6.05
N THR B 89 13.41 8.29 7.11
CA THR B 89 11.96 8.22 7.18
C THR B 89 11.23 9.55 7.30
N ASN B 90 11.90 10.56 7.86
CA ASN B 90 11.32 11.89 7.86
C ASN B 90 11.21 12.45 6.46
N LEU B 91 12.32 12.34 5.75
CA LEU B 91 12.39 12.78 4.37
C LEU B 91 11.47 11.99 3.44
N LEU B 92 11.27 10.71 3.71
CA LEU B 92 10.44 9.92 2.82
C LEU B 92 8.98 10.30 3.00
N GLN B 93 8.63 10.73 4.20
CA GLN B 93 7.30 11.25 4.45
C GLN B 93 7.14 12.66 3.93
N ASP B 94 8.21 13.44 4.02
CA ASP B 94 8.16 14.82 3.57
C ASP B 94 7.96 14.91 2.08
N ALA B 95 8.85 14.27 1.32
CA ALA B 95 8.73 14.30 -0.13
C ALA B 95 7.39 13.73 -0.60
N THR B 96 6.89 12.74 0.12
CA THR B 96 5.55 12.22 -0.15
C THR B 96 4.47 13.29 -0.07
N ARG B 97 4.48 14.05 1.02
CA ARG B 97 3.56 15.18 1.20
C ARG B 97 3.70 16.26 0.13
N ARG B 98 4.93 16.54 -0.29
CA ARG B 98 5.13 17.47 -1.41
C ARG B 98 4.54 16.95 -2.71
N GLU B 99 4.71 15.65 -2.96
CA GLU B 99 4.16 15.08 -4.18
C GLU B 99 2.64 15.17 -4.13
N VAL B 100 2.03 14.76 -3.03
CA VAL B 100 0.58 14.83 -2.90
C VAL B 100 0.09 16.26 -3.11
N MET B 101 0.84 17.22 -2.55
CA MET B 101 0.61 18.64 -2.76
C MET B 101 0.53 19.00 -4.24
N THR B 102 1.44 18.41 -5.01
CA THR B 102 1.53 18.64 -6.46
C THR B 102 0.46 17.87 -7.24
N GLU B 103 0.32 16.59 -6.94
CA GLU B 103 -0.50 15.64 -7.70
C GLU B 103 -1.99 15.96 -7.63
N ARG B 104 -2.45 16.53 -6.51
CA ARG B 104 -3.82 17.04 -6.44
C ARG B 104 -4.07 18.15 -7.45
N MET C 1 -13.03 14.85 2.89
CA MET C 1 -13.68 15.42 1.71
C MET C 1 -12.74 15.36 0.52
N GLU C 2 -11.46 15.38 0.80
CA GLU C 2 -10.47 15.26 -0.24
C GLU C 2 -10.49 13.85 -0.78
N THR C 3 -10.01 13.68 -1.99
CA THR C 3 -9.85 12.35 -2.54
C THR C 3 -9.28 11.38 -1.53
N PRO C 4 -9.73 10.14 -1.61
CA PRO C 4 -9.33 9.05 -0.71
C PRO C 4 -7.82 9.00 -0.42
N LEU C 5 -7.00 9.35 -1.40
CA LEU C 5 -5.55 9.45 -1.17
C LEU C 5 -5.23 10.43 -0.04
N ASP C 6 -5.87 11.60 -0.03
CA ASP C 6 -5.63 12.59 1.02
C ASP C 6 -5.90 11.96 2.38
N LEU C 7 -7.00 11.21 2.50
CA LEU C 7 -7.31 10.53 3.75
C LEU C 7 -6.16 9.58 4.02
N LEU C 8 -5.62 8.95 2.99
CA LEU C 8 -4.50 8.06 3.22
C LEU C 8 -3.30 8.86 3.66
N LYS C 9 -3.11 10.05 3.09
CA LYS C 9 -2.03 10.94 3.52
C LYS C 9 -2.17 11.40 4.98
N LEU C 10 -3.38 11.37 5.50
CA LEU C 10 -3.66 11.64 6.90
C LEU C 10 -3.05 10.63 7.87
N ASN C 11 -2.77 9.46 7.35
CA ASN C 11 -2.22 8.35 8.12
C ASN C 11 -0.71 8.22 8.18
N LEU C 12 0.00 9.12 7.52
CA LEU C 12 1.46 9.06 7.52
C LEU C 12 2.00 9.09 8.94
N ASP C 13 2.98 8.22 9.18
CA ASP C 13 3.64 8.02 10.48
C ASP C 13 2.73 7.28 11.45
N GLU C 14 1.58 6.84 10.98
CA GLU C 14 0.66 6.08 11.82
C GLU C 14 0.60 4.62 11.40
N ARG C 15 0.04 3.80 12.29
CA ARG C 15 -0.18 2.38 12.00
C ARG C 15 -1.30 2.26 10.97
N VAL C 16 -1.03 1.61 9.85
CA VAL C 16 -2.07 1.35 8.87
C VAL C 16 -2.28 -0.15 8.68
N TYR C 17 -3.46 -0.49 8.19
CA TYR C 17 -3.82 -1.86 7.86
C TYR C 17 -4.01 -1.94 6.36
N ILE C 18 -3.34 -2.88 5.72
CA ILE C 18 -3.42 -2.98 4.27
C ILE C 18 -3.87 -4.39 3.97
N LYS C 19 -4.86 -4.48 3.09
CA LYS C 19 -5.37 -5.75 2.59
C LYS C 19 -4.98 -6.07 1.15
N LEU C 20 -4.50 -7.29 0.93
CA LEU C 20 -4.08 -7.69 -0.41
C LEU C 20 -5.08 -8.73 -0.90
N ARG C 21 -5.15 -8.86 -2.21
CA ARG C 21 -6.08 -9.77 -2.85
C ARG C 21 -5.79 -11.19 -2.46
N GLY C 22 -4.52 -11.58 -2.44
CA GLY C 22 -4.20 -12.97 -2.26
C GLY C 22 -4.18 -13.41 -0.82
N ALA C 23 -5.30 -13.19 -0.14
CA ALA C 23 -5.45 -13.74 1.17
C ALA C 23 -4.30 -13.36 2.07
N ARG C 24 -3.82 -12.14 1.98
CA ARG C 24 -2.77 -11.68 2.88
C ARG C 24 -3.17 -10.30 3.36
N THR C 25 -2.89 -10.00 4.62
CA THR C 25 -3.20 -8.67 5.11
C THR C 25 -1.99 -8.21 5.85
N LEU C 26 -1.75 -6.90 5.85
CA LEU C 26 -0.67 -6.38 6.64
C LEU C 26 -1.21 -5.33 7.59
N VAL C 27 -0.50 -5.15 8.70
CA VAL C 27 -0.77 -4.02 9.53
C VAL C 27 0.62 -3.49 9.89
N GLY C 28 0.80 -2.18 9.78
CA GLY C 28 2.10 -1.61 10.04
C GLY C 28 2.06 -0.10 10.01
N THR C 29 3.22 0.52 10.20
CA THR C 29 3.31 1.99 10.26
C THR C 29 3.79 2.65 8.96
N LEU C 30 2.87 3.36 8.33
CA LEU C 30 3.01 3.80 6.96
C LEU C 30 4.05 4.88 6.81
N GLN C 31 4.88 4.82 5.79
CA GLN C 31 5.83 5.87 5.56
C GLN C 31 5.76 6.59 4.24
N ALA C 32 5.27 5.95 3.19
CA ALA C 32 5.15 6.62 1.92
C ALA C 32 4.16 5.98 1.00
N PHE C 33 3.69 6.69 0.00
CA PHE C 33 2.81 6.10 -1.01
C PHE C 33 2.67 6.98 -2.23
N ASP C 34 2.32 6.39 -3.36
CA ASP C 34 1.95 7.15 -4.55
C ASP C 34 0.52 6.88 -4.96
N SER C 35 0.10 7.51 -6.05
CA SER C 35 -1.24 7.33 -6.59
C SER C 35 -1.46 5.95 -7.19
N HIS C 36 -0.41 5.14 -7.28
CA HIS C 36 -0.60 3.78 -7.77
C HIS C 36 -0.75 2.85 -6.59
N CYS C 37 -0.69 3.44 -5.40
CA CYS C 37 -0.85 2.73 -4.15
C CYS C 37 0.34 1.83 -3.82
N ASN C 38 1.48 2.08 -4.47
CA ASN C 38 2.73 1.52 -3.99
C ASN C 38 2.98 2.06 -2.59
N ILE C 39 3.55 1.24 -1.73
CA ILE C 39 3.68 1.64 -0.33
C ILE C 39 4.99 1.17 0.31
N VAL C 40 5.56 2.04 1.14
CA VAL C 40 6.63 1.74 2.10
C VAL C 40 6.05 1.74 3.52
N LEU C 41 6.24 0.62 4.19
CA LEU C 41 5.83 0.32 5.58
C LEU C 41 7.07 0.31 6.45
N SER C 42 7.00 0.91 7.64
CA SER C 42 8.16 0.82 8.52
C SER C 42 8.29 -0.13 9.64
N ASP C 43 7.21 -0.65 10.19
CA ASP C 43 7.33 -1.70 11.19
C ASP C 43 6.13 -2.57 11.11
N ALA C 44 5.99 -3.19 9.96
CA ALA C 44 4.84 -4.02 9.65
C ALA C 44 4.98 -5.47 10.11
N VAL C 45 3.83 -6.11 10.23
CA VAL C 45 3.71 -7.52 10.57
C VAL C 45 2.65 -8.08 9.63
N GLU C 46 3.10 -8.95 8.73
CA GLU C 46 2.21 -9.56 7.74
C GLU C 46 1.59 -10.80 8.32
N THR C 47 0.40 -11.15 7.82
CA THR C 47 -0.37 -12.28 8.31
C THR C 47 -1.03 -12.98 7.13
N ILE C 48 -0.73 -14.26 6.93
CA ILE C 48 -1.26 -14.96 5.77
C ILE C 48 -2.31 -16.02 6.09
N TYR C 49 -3.46 -15.88 5.43
CA TYR C 49 -4.60 -16.76 5.59
C TYR C 49 -4.61 -17.85 4.53
N GLN C 50 -4.70 -19.11 4.94
CA GLN C 50 -4.65 -20.21 3.98
C GLN C 50 -5.77 -21.25 4.11
N LEU C 51 -5.83 -22.11 3.09
CA LEU C 51 -6.75 -23.23 3.05
C LEU C 51 -5.81 -24.42 3.11
N ASN C 52 -5.73 -25.07 4.27
CA ASN C 52 -5.08 -26.38 4.39
C ASN C 52 -5.97 -27.50 4.91
N ASN C 53 -6.35 -28.38 3.98
CA ASN C 53 -7.04 -29.63 4.24
C ASN C 53 -8.24 -29.49 5.15
N GLU C 54 -9.06 -28.51 4.79
CA GLU C 54 -10.27 -28.11 5.48
C GLU C 54 -10.03 -27.42 6.82
N GLU C 55 -8.85 -26.88 7.06
CA GLU C 55 -8.71 -25.99 8.21
C GLU C 55 -8.06 -24.65 7.88
N LEU C 56 -8.51 -23.62 8.57
CA LEU C 56 -8.04 -22.26 8.35
C LEU C 56 -6.78 -22.05 9.16
N SER C 57 -5.69 -21.56 8.58
CA SER C 57 -4.51 -21.39 9.42
C SER C 57 -3.91 -20.05 9.06
N GLU C 58 -3.11 -19.50 9.97
CA GLU C 58 -2.58 -18.17 9.74
C GLU C 58 -1.14 -17.94 10.16
N SER C 59 -0.19 -18.00 9.23
CA SER C 59 1.16 -17.74 9.68
C SER C 59 1.45 -16.28 9.41
N GLU C 60 2.51 -15.77 10.03
CA GLU C 60 2.72 -14.33 9.98
C GLU C 60 4.20 -14.03 9.94
N ARG C 61 4.57 -12.94 9.27
CA ARG C 61 5.96 -12.52 9.27
C ARG C 61 6.07 -11.05 9.63
N ARG C 62 7.20 -10.65 10.19
CA ARG C 62 7.41 -9.23 10.48
C ARG C 62 8.77 -8.81 10.00
N CYS C 63 8.90 -7.57 9.56
CA CYS C 63 10.19 -7.07 9.10
C CYS C 63 10.30 -5.59 9.34
N GLU C 64 11.53 -5.10 9.46
CA GLU C 64 11.71 -3.68 9.68
C GLU C 64 11.30 -2.76 8.54
N MET C 65 11.69 -3.04 7.29
CA MET C 65 11.33 -2.10 6.23
C MET C 65 11.05 -2.83 4.92
N VAL C 66 9.87 -2.56 4.34
CA VAL C 66 9.41 -3.28 3.16
C VAL C 66 8.70 -2.40 2.13
N PHE C 67 9.16 -2.39 0.89
CA PHE C 67 8.36 -1.79 -0.18
C PHE C 67 7.32 -2.81 -0.64
N ILE C 68 6.10 -2.35 -0.90
CA ILE C 68 5.02 -3.26 -1.27
C ILE C 68 4.33 -2.72 -2.51
N ARG C 69 4.33 -3.47 -3.60
CA ARG C 69 3.78 -2.96 -4.85
C ARG C 69 2.26 -2.83 -4.86
N GLY C 70 1.82 -1.63 -5.24
CA GLY C 70 0.44 -1.20 -5.14
C GLY C 70 -0.63 -2.04 -5.78
N ASP C 71 -0.34 -2.67 -6.92
CA ASP C 71 -1.37 -3.34 -7.70
C ASP C 71 -1.93 -4.56 -6.97
N THR C 72 -1.27 -4.95 -5.88
CA THR C 72 -1.77 -6.02 -5.04
C THR C 72 -2.72 -5.54 -3.93
N VAL C 73 -2.80 -4.23 -3.75
CA VAL C 73 -3.53 -3.67 -2.61
C VAL C 73 -5.02 -3.63 -2.85
N THR C 74 -5.80 -4.28 -1.99
CA THR C 74 -7.26 -4.20 -2.12
C THR C 74 -7.96 -3.26 -1.16
N LEU C 75 -7.40 -3.09 0.03
CA LEU C 75 -7.95 -2.09 0.94
C LEU C 75 -7.00 -1.59 2.01
N ILE C 76 -7.30 -0.37 2.47
CA ILE C 76 -6.58 0.25 3.57
C ILE C 76 -7.47 0.84 4.68
N SER C 77 -7.08 0.64 5.93
CA SER C 77 -7.76 1.26 7.09
C SER C 77 -6.91 1.20 8.35
N THR C 78 -7.33 1.89 9.41
CA THR C 78 -6.56 1.91 10.66
C THR C 78 -6.56 0.63 11.51
N PRO C 79 -5.41 0.30 12.07
CA PRO C 79 -5.18 -0.93 12.81
C PRO C 79 -6.24 -1.11 13.90
N LEU D 2 8.82 -2.11 -32.60
CA LEU D 2 9.93 -2.94 -33.07
C LEU D 2 9.57 -4.43 -33.19
N PRO D 3 8.86 -5.00 -32.18
CA PRO D 3 8.49 -6.42 -32.34
C PRO D 3 7.56 -6.66 -33.52
N LEU D 4 6.56 -5.78 -33.65
CA LEU D 4 5.58 -5.85 -34.73
C LEU D 4 6.29 -5.77 -36.08
N TYR D 5 7.26 -4.88 -36.16
CA TYR D 5 8.04 -4.66 -37.37
C TYR D 5 8.78 -5.94 -37.78
N LEU D 6 9.42 -6.59 -36.81
CA LEU D 6 10.15 -7.82 -37.09
C LEU D 6 9.22 -8.92 -37.58
N LEU D 7 8.06 -9.07 -36.93
CA LEU D 7 7.10 -10.10 -37.30
C LEU D 7 6.61 -9.87 -38.73
N THR D 8 6.38 -8.61 -39.06
CA THR D 8 5.91 -8.18 -40.38
C THR D 8 6.85 -8.61 -41.52
N ASN D 9 8.08 -8.94 -41.18
CA ASN D 9 9.02 -9.51 -42.14
C ASN D 9 8.91 -11.03 -42.21
N ALA D 10 8.28 -11.62 -41.19
CA ALA D 10 8.08 -13.06 -41.11
C ALA D 10 6.71 -13.38 -41.71
N LYS D 11 6.09 -12.31 -42.21
CA LYS D 11 4.83 -12.33 -42.95
C LYS D 11 4.80 -13.33 -44.10
N GLY D 12 3.66 -14.00 -44.27
CA GLY D 12 3.51 -15.02 -45.31
C GLY D 12 3.89 -16.45 -44.97
N GLN D 13 4.50 -16.66 -43.81
CA GLN D 13 4.95 -18.00 -43.42
C GLN D 13 3.95 -18.61 -42.43
N GLN D 14 3.86 -19.95 -42.38
CA GLN D 14 2.95 -20.56 -41.41
C GLN D 14 3.60 -20.60 -40.03
N MET D 15 2.76 -20.54 -39.01
CA MET D 15 3.21 -20.55 -37.61
C MET D 15 2.19 -21.08 -36.61
N GLN D 16 2.65 -21.38 -35.40
CA GLN D 16 1.75 -21.83 -34.33
C GLN D 16 1.78 -20.81 -33.19
N ILE D 17 0.64 -20.12 -33.02
CA ILE D 17 0.45 -19.05 -32.04
C ILE D 17 -0.45 -19.43 -30.86
N GLU D 18 0.08 -19.31 -29.65
CA GLU D 18 -0.74 -19.43 -28.43
C GLU D 18 -1.25 -18.13 -27.80
N LEU D 19 -2.56 -18.12 -27.50
CA LEU D 19 -3.24 -17.02 -26.83
C LEU D 19 -3.19 -17.11 -25.29
N LYS D 20 -3.54 -16.00 -24.66
CA LYS D 20 -3.54 -15.82 -23.21
C LYS D 20 -4.32 -16.85 -22.39
N ASN D 21 -5.30 -17.52 -23.02
CA ASN D 21 -6.11 -18.49 -22.30
C ASN D 21 -5.78 -19.95 -22.58
N GLY D 22 -4.70 -20.17 -23.29
CA GLY D 22 -4.23 -21.51 -23.55
C GLY D 22 -4.69 -22.08 -24.87
N GLU D 23 -5.52 -21.35 -25.60
CA GLU D 23 -5.89 -21.81 -26.93
C GLU D 23 -4.70 -21.63 -27.85
N ILE D 24 -4.45 -22.62 -28.70
CA ILE D 24 -3.37 -22.54 -29.67
C ILE D 24 -3.98 -22.34 -31.05
N ILE D 25 -3.49 -21.36 -31.79
CA ILE D 25 -3.95 -21.19 -33.17
C ILE D 25 -2.75 -21.38 -34.11
N GLN D 26 -2.84 -22.40 -34.95
CA GLN D 26 -1.80 -22.67 -35.93
C GLN D 26 -2.32 -22.34 -37.33
N GLY D 27 -1.58 -21.54 -38.08
CA GLY D 27 -2.08 -21.06 -39.37
C GLY D 27 -1.05 -20.37 -40.23
N ILE D 28 -1.47 -19.87 -41.39
CA ILE D 28 -0.57 -19.11 -42.24
C ILE D 28 -0.81 -17.61 -42.08
N LEU D 29 0.20 -16.91 -41.56
CA LEU D 29 0.15 -15.45 -41.39
C LEU D 29 0.01 -14.74 -42.73
N THR D 30 -1.04 -13.94 -42.90
CA THR D 30 -1.21 -13.19 -44.16
C THR D 30 -1.01 -11.67 -44.05
N ASN D 31 -1.26 -11.11 -42.87
CA ASN D 31 -1.02 -9.68 -42.64
C ASN D 31 -0.87 -9.30 -41.16
N VAL D 32 -0.18 -8.18 -40.90
CA VAL D 32 0.09 -7.71 -39.54
C VAL D 32 -0.07 -6.18 -39.51
N ASP D 33 -0.51 -5.65 -38.38
CA ASP D 33 -0.58 -4.21 -38.16
C ASP D 33 0.17 -3.67 -36.94
N ASN D 34 0.12 -2.35 -36.80
CA ASN D 34 0.79 -1.57 -35.76
C ASN D 34 0.43 -1.98 -34.33
N TRP D 35 -0.72 -2.63 -34.18
CA TRP D 35 -1.21 -3.07 -32.88
C TRP D 35 -0.95 -4.55 -32.65
N MET D 36 -0.15 -5.17 -33.52
CA MET D 36 0.20 -6.59 -33.45
C MET D 36 -1.00 -7.48 -33.75
N ASN D 37 -1.94 -6.92 -34.50
CA ASN D 37 -3.01 -7.67 -35.13
C ASN D 37 -2.51 -8.64 -36.20
N LEU D 38 -3.20 -9.77 -36.37
CA LEU D 38 -2.77 -10.80 -37.31
C LEU D 38 -3.98 -11.19 -38.19
N THR D 39 -3.72 -11.37 -39.49
CA THR D 39 -4.63 -12.01 -40.44
C THR D 39 -4.96 -13.50 -40.31
N LEU D 40 -3.96 -14.37 -40.19
CA LEU D 40 -4.18 -15.80 -39.93
C LEU D 40 -5.01 -16.35 -41.11
N SER D 41 -4.37 -16.53 -42.26
CA SER D 41 -5.03 -17.05 -43.48
C SER D 41 -5.43 -18.53 -43.61
N ASN D 42 -4.72 -19.45 -42.96
CA ASN D 42 -5.07 -20.87 -43.02
C ASN D 42 -5.17 -21.55 -41.65
N VAL D 43 -6.26 -21.36 -40.92
CA VAL D 43 -6.22 -21.70 -39.51
C VAL D 43 -6.86 -22.99 -39.01
N THR D 44 -6.21 -23.52 -37.98
CA THR D 44 -6.61 -24.71 -37.22
C THR D 44 -6.50 -24.25 -35.76
N GLU D 45 -7.46 -24.58 -34.91
CA GLU D 45 -7.42 -24.04 -33.54
C GLU D 45 -7.58 -25.14 -32.49
N TYR D 46 -6.75 -25.09 -31.45
CA TYR D 46 -6.75 -26.14 -30.45
C TYR D 46 -6.16 -25.73 -29.11
N SER D 47 -6.23 -26.64 -28.15
CA SER D 47 -5.67 -26.47 -26.82
C SER D 47 -4.32 -27.18 -26.71
N GLU D 48 -3.50 -26.78 -25.74
CA GLU D 48 -2.30 -27.54 -25.39
C GLU D 48 -2.59 -29.01 -25.02
N GLU D 49 -3.69 -29.24 -24.30
CA GLU D 49 -4.11 -30.60 -23.94
C GLU D 49 -4.29 -31.48 -25.18
N SER D 50 -4.85 -30.89 -26.23
CA SER D 50 -5.17 -31.61 -27.45
C SER D 50 -3.93 -31.78 -28.32
N ALA D 51 -3.08 -30.76 -28.34
CA ALA D 51 -1.83 -30.78 -29.10
C ALA D 51 -0.85 -31.82 -28.55
N ILE D 52 -0.79 -31.96 -27.23
CA ILE D 52 0.09 -32.96 -26.63
C ILE D 52 -0.66 -34.23 -26.19
N ALA D 63 -8.86 -28.34 -31.91
CA ALA D 63 -9.20 -29.52 -32.70
C ALA D 63 -10.27 -29.20 -33.72
N VAL D 64 -10.28 -27.95 -34.19
CA VAL D 64 -11.24 -27.53 -35.21
C VAL D 64 -10.62 -26.58 -36.22
N LYS D 65 -10.88 -26.84 -37.49
CA LYS D 65 -10.33 -26.03 -38.57
C LYS D 65 -11.42 -25.18 -39.18
N LEU D 66 -11.11 -23.93 -39.47
CA LEU D 66 -12.12 -23.07 -40.06
C LEU D 66 -11.69 -22.26 -41.27
N ASN D 67 -10.44 -22.46 -41.71
CA ASN D 67 -9.86 -21.83 -42.92
C ASN D 67 -9.33 -20.45 -42.60
N GLU D 68 -10.03 -19.70 -41.75
CA GLU D 68 -9.66 -18.33 -41.44
C GLU D 68 -10.06 -17.88 -39.99
N ILE D 69 -9.22 -17.02 -39.41
CA ILE D 69 -9.45 -16.35 -38.13
C ILE D 69 -8.93 -14.91 -37.92
N TYR D 70 -9.68 -14.07 -37.21
CA TYR D 70 -9.14 -12.75 -36.85
C TYR D 70 -8.72 -12.68 -35.39
N ILE D 71 -7.49 -12.26 -35.12
CA ILE D 71 -7.03 -12.16 -33.73
C ILE D 71 -6.51 -10.79 -33.28
N ARG D 72 -6.91 -10.39 -32.08
CA ARG D 72 -6.55 -9.12 -31.46
C ARG D 72 -5.18 -9.18 -30.78
N GLY D 73 -4.23 -8.38 -31.27
CA GLY D 73 -2.86 -8.33 -30.76
C GLY D 73 -2.53 -8.36 -29.27
N THR D 74 -3.28 -7.62 -28.47
CA THR D 74 -2.97 -7.49 -27.03
C THR D 74 -3.23 -8.74 -26.18
N PHE D 75 -3.92 -9.72 -26.76
CA PHE D 75 -4.24 -10.98 -26.10
C PHE D 75 -3.33 -12.19 -26.37
N ILE D 76 -2.29 -11.99 -27.17
CA ILE D 76 -1.36 -13.07 -27.50
C ILE D 76 -0.37 -13.18 -26.34
N LYS D 77 -0.16 -14.41 -25.89
CA LYS D 77 0.85 -14.64 -24.87
C LYS D 77 2.18 -14.79 -25.59
N PHE D 78 2.32 -15.81 -26.42
CA PHE D 78 3.52 -15.86 -27.25
C PHE D 78 3.22 -16.54 -28.59
N ILE D 79 4.19 -16.47 -29.51
CA ILE D 79 4.01 -17.03 -30.85
C ILE D 79 5.26 -17.80 -31.29
N LYS D 80 5.15 -19.11 -31.53
CA LYS D 80 6.30 -19.80 -32.13
C LYS D 80 6.41 -19.73 -33.66
N LEU D 81 7.47 -19.12 -34.19
CA LEU D 81 7.62 -19.08 -35.65
C LEU D 81 8.59 -20.19 -36.11
N GLN D 82 8.41 -20.70 -37.33
CA GLN D 82 9.29 -21.75 -37.88
C GLN D 82 10.79 -21.42 -38.10
N ASP D 83 11.66 -22.38 -37.80
CA ASP D 83 13.13 -22.24 -37.90
C ASP D 83 13.59 -21.60 -39.21
N ASN D 84 14.35 -20.51 -39.22
CA ASN D 84 14.86 -19.98 -40.49
C ASN D 84 15.96 -20.90 -41.01
N ILE D 85 15.70 -21.64 -42.09
CA ILE D 85 16.60 -22.71 -42.56
C ILE D 85 18.04 -22.26 -42.76
N ILE D 86 18.23 -21.13 -43.44
CA ILE D 86 19.57 -20.62 -43.74
C ILE D 86 20.27 -20.10 -42.49
N ASP D 87 19.50 -19.52 -41.58
CA ASP D 87 20.05 -18.99 -40.33
C ASP D 87 20.48 -20.12 -39.39
N LYS D 88 19.73 -21.22 -39.42
CA LYS D 88 20.01 -22.37 -38.58
C LYS D 88 21.29 -23.09 -39.03
N VAL D 89 21.46 -23.22 -40.34
CA VAL D 89 22.65 -23.87 -40.89
C VAL D 89 23.89 -23.00 -40.69
N LYS D 90 23.71 -21.68 -40.74
CA LYS D 90 24.80 -20.76 -40.47
C LYS D 90 25.23 -20.87 -39.01
N GLN D 91 24.28 -21.12 -38.13
CA GLN D 91 24.55 -21.32 -36.72
C GLN D 91 25.39 -22.57 -36.48
N GLN D 92 25.05 -23.65 -37.19
CA GLN D 92 25.79 -24.91 -37.08
C GLN D 92 27.09 -24.83 -37.86
N GLU E 5 -26.75 3.13 -41.14
CA GLU E 5 -25.64 2.64 -40.33
C GLU E 5 -26.02 2.56 -38.85
N ILE E 6 -26.02 1.35 -38.31
CA ILE E 6 -26.27 1.09 -36.90
C ILE E 6 -24.93 0.98 -36.16
N LEU E 7 -24.80 1.80 -35.13
CA LEU E 7 -23.61 1.95 -34.30
C LEU E 7 -23.95 1.47 -32.89
N PRO E 8 -23.08 0.61 -32.34
CA PRO E 8 -23.23 -0.05 -31.03
C PRO E 8 -23.66 0.92 -29.93
N LEU E 9 -23.00 2.07 -29.78
CA LEU E 9 -23.43 2.95 -28.72
C LEU E 9 -24.85 3.47 -29.01
N GLU E 10 -25.15 3.75 -30.28
CA GLU E 10 -26.51 4.13 -30.66
C GLU E 10 -27.60 3.07 -30.39
N VAL E 11 -27.34 1.79 -30.70
CA VAL E 11 -28.30 0.74 -30.33
C VAL E 11 -28.48 0.78 -28.81
N ILE E 12 -27.35 0.83 -28.12
CA ILE E 12 -27.30 0.82 -26.65
C ILE E 12 -28.00 2.07 -26.12
N ASP E 13 -27.77 3.19 -26.79
CA ASP E 13 -28.43 4.45 -26.48
C ASP E 13 -29.94 4.29 -26.51
N LYS E 14 -30.43 3.67 -27.57
CA LYS E 14 -31.85 3.38 -27.75
C LYS E 14 -32.44 2.48 -26.66
N THR E 15 -31.60 2.01 -25.73
CA THR E 15 -32.03 1.09 -24.69
C THR E 15 -32.20 1.78 -23.32
N ILE E 16 -31.73 3.01 -23.21
CA ILE E 16 -31.83 3.80 -21.99
C ILE E 16 -33.29 3.96 -21.55
N ASN E 17 -33.56 3.68 -20.28
CA ASN E 17 -34.90 3.67 -19.68
C ASN E 17 -35.70 2.41 -20.00
N GLN E 18 -35.08 1.48 -20.71
CA GLN E 18 -35.70 0.17 -20.94
C GLN E 18 -35.03 -0.81 -19.99
N LYS E 19 -35.63 -1.98 -19.80
CA LYS E 19 -34.92 -3.05 -19.13
C LYS E 19 -33.71 -3.43 -19.95
N VAL E 20 -32.60 -3.75 -19.28
CA VAL E 20 -31.39 -4.20 -19.95
C VAL E 20 -30.70 -5.25 -19.09
N LEU E 21 -30.04 -6.21 -19.73
CA LEU E 21 -29.23 -7.16 -18.98
C LEU E 21 -27.73 -7.00 -19.27
N ILE E 22 -26.94 -6.83 -18.21
CA ILE E 22 -25.50 -6.59 -18.36
C ILE E 22 -24.70 -7.80 -17.88
N VAL E 23 -23.97 -8.45 -18.78
CA VAL E 23 -23.15 -9.61 -18.42
C VAL E 23 -21.65 -9.33 -18.35
N LEU E 24 -21.00 -9.81 -17.28
CA LEU E 24 -19.57 -9.59 -17.09
C LEU E 24 -18.75 -10.67 -17.81
N GLN E 25 -17.42 -10.58 -17.75
CA GLN E 25 -16.56 -11.64 -18.28
C GLN E 25 -16.74 -12.91 -17.50
N SER E 26 -16.76 -12.79 -16.17
CA SER E 26 -17.03 -13.93 -15.31
C SER E 26 -18.50 -14.34 -15.40
N ASN E 27 -18.88 -15.28 -14.56
CA ASN E 27 -20.23 -15.81 -14.62
C ASN E 27 -21.12 -15.06 -13.67
N ARG E 28 -21.46 -13.86 -14.10
CA ARG E 28 -22.21 -12.90 -13.32
C ARG E 28 -22.88 -11.93 -14.27
N GLU E 29 -24.10 -11.57 -13.95
CA GLU E 29 -24.82 -10.58 -14.74
C GLU E 29 -25.75 -9.78 -13.85
N PHE E 30 -26.11 -8.58 -14.29
CA PHE E 30 -26.96 -7.72 -13.50
C PHE E 30 -28.09 -7.34 -14.44
N GLU E 31 -29.33 -7.59 -14.05
CA GLU E 31 -30.45 -7.07 -14.82
C GLU E 31 -31.16 -5.95 -14.07
N GLY E 32 -31.53 -4.91 -14.80
CA GLY E 32 -32.16 -3.75 -14.23
C GLY E 32 -32.46 -2.74 -15.30
N THR E 33 -33.04 -1.60 -14.94
CA THR E 33 -33.28 -0.57 -15.93
C THR E 33 -32.05 0.30 -16.08
N LEU E 34 -31.63 0.48 -17.32
CA LEU E 34 -30.40 1.21 -17.65
C LEU E 34 -30.74 2.69 -17.64
N VAL E 35 -30.04 3.46 -16.81
CA VAL E 35 -30.27 4.88 -16.66
C VAL E 35 -29.41 5.67 -17.64
N GLY E 36 -28.13 5.32 -17.75
CA GLY E 36 -27.24 6.05 -18.63
C GLY E 36 -25.85 5.48 -18.71
N PHE E 37 -25.06 5.96 -19.66
CA PHE E 37 -23.66 5.55 -19.73
C PHE E 37 -22.75 6.63 -20.31
N ASP E 38 -21.45 6.42 -20.15
CA ASP E 38 -20.44 7.32 -20.68
C ASP E 38 -19.51 6.73 -21.73
N ASP E 39 -18.50 7.51 -22.06
CA ASP E 39 -17.49 7.17 -23.07
C ASP E 39 -16.77 5.88 -22.70
N PHE E 40 -16.46 5.71 -21.41
CA PHE E 40 -15.74 4.53 -20.96
C PHE E 40 -16.66 3.34 -20.72
N VAL E 41 -17.92 3.52 -21.12
CA VAL E 41 -19.00 2.52 -21.00
C VAL E 41 -19.18 2.07 -19.55
N ASN E 42 -19.02 2.98 -18.60
CA ASN E 42 -19.56 2.72 -17.27
C ASN E 42 -21.06 2.79 -17.36
N VAL E 43 -21.75 1.83 -16.76
CA VAL E 43 -23.17 1.76 -16.98
C VAL E 43 -23.87 1.98 -15.64
N ILE E 44 -24.93 2.79 -15.62
CA ILE E 44 -25.82 2.97 -14.47
C ILE E 44 -27.15 2.20 -14.51
N LEU E 45 -27.38 1.30 -13.56
CA LEU E 45 -28.62 0.55 -13.56
C LEU E 45 -29.49 0.95 -12.37
N GLU E 46 -30.80 0.83 -12.55
CA GLU E 46 -31.75 1.16 -11.49
C GLU E 46 -32.44 -0.13 -11.05
N ASP E 47 -32.51 -0.31 -9.73
CA ASP E 47 -33.17 -1.45 -9.10
C ASP E 47 -32.76 -2.78 -9.75
N ALA E 48 -31.46 -3.03 -9.73
CA ALA E 48 -30.82 -4.13 -10.41
C ALA E 48 -30.96 -5.44 -9.67
N VAL E 49 -31.31 -6.47 -10.41
CA VAL E 49 -31.17 -7.80 -9.84
C VAL E 49 -29.78 -8.32 -10.21
N GLU E 50 -29.07 -8.88 -9.21
CA GLU E 50 -27.75 -9.51 -9.37
C GLU E 50 -27.81 -11.01 -9.37
N TRP E 51 -27.34 -11.59 -10.47
CA TRP E 51 -27.23 -13.04 -10.61
C TRP E 51 -25.81 -13.59 -10.71
N LEU E 52 -25.55 -14.69 -10.03
CA LEU E 52 -24.45 -15.60 -10.39
C LEU E 52 -24.98 -16.69 -11.31
N ILE E 53 -24.20 -17.12 -12.31
CA ILE E 53 -24.72 -18.13 -13.23
C ILE E 53 -23.94 -19.46 -13.23
N ASP E 54 -24.66 -20.57 -13.12
CA ASP E 54 -24.08 -21.91 -13.28
C ASP E 54 -24.03 -22.24 -14.76
N PRO E 55 -22.83 -22.50 -15.30
CA PRO E 55 -22.75 -22.84 -16.72
C PRO E 55 -23.60 -24.04 -17.17
N GLU E 56 -23.68 -25.06 -16.32
CA GLU E 56 -24.36 -26.31 -16.64
C GLU E 56 -25.87 -26.40 -16.39
N ASP E 57 -26.33 -25.80 -15.30
CA ASP E 57 -27.71 -25.95 -14.88
C ASP E 57 -28.43 -24.66 -14.50
N GLU E 58 -29.31 -24.22 -15.40
CA GLU E 58 -30.13 -23.03 -15.19
C GLU E 58 -30.82 -23.12 -13.83
N SER E 59 -31.02 -24.34 -13.34
CA SER E 59 -31.59 -24.47 -12.02
C SER E 59 -30.54 -24.05 -11.00
N ARG E 60 -29.27 -24.38 -11.23
CA ARG E 60 -28.32 -23.96 -10.20
C ARG E 60 -27.69 -22.57 -10.38
N ASN E 61 -28.26 -21.68 -11.20
CA ASN E 61 -27.80 -20.29 -11.19
C ASN E 61 -28.20 -19.74 -9.81
N GLU E 62 -27.50 -18.75 -9.28
CA GLU E 62 -27.86 -18.28 -7.94
C GLU E 62 -28.16 -16.77 -7.91
N LYS E 63 -29.35 -16.40 -7.42
CA LYS E 63 -29.70 -14.99 -7.24
C LYS E 63 -29.12 -14.43 -5.92
N VAL E 64 -28.12 -13.57 -6.06
CA VAL E 64 -27.37 -13.02 -4.93
C VAL E 64 -27.90 -11.77 -4.22
N MET E 65 -28.50 -10.85 -4.97
CA MET E 65 -29.20 -9.71 -4.36
C MET E 65 -30.21 -9.06 -5.29
N GLN E 66 -31.28 -8.55 -4.71
CA GLN E 66 -32.10 -7.60 -5.42
C GLN E 66 -31.60 -6.23 -4.98
N HIS E 67 -31.09 -5.44 -5.91
CA HIS E 67 -30.65 -4.09 -5.55
C HIS E 67 -31.81 -3.12 -5.71
N HIS E 68 -31.82 -2.07 -4.88
CA HIS E 68 -32.75 -0.95 -5.02
C HIS E 68 -32.01 0.36 -5.12
N GLY E 69 -32.55 1.27 -5.92
CA GLY E 69 -31.88 2.54 -6.15
C GLY E 69 -31.05 2.40 -7.39
N ARG E 70 -30.12 3.32 -7.60
CA ARG E 70 -29.28 3.20 -8.77
C ARG E 70 -27.98 2.60 -8.35
N MET E 71 -27.39 1.85 -9.26
CA MET E 71 -26.07 1.33 -9.04
C MET E 71 -25.18 1.66 -10.23
N LEU E 72 -23.91 1.94 -9.95
CA LEU E 72 -22.88 2.09 -10.98
C LEU E 72 -22.04 0.83 -11.17
N LEU E 73 -22.12 0.23 -12.34
CA LEU E 73 -21.29 -0.93 -12.66
C LEU E 73 -20.08 -0.49 -13.50
N SER E 74 -18.88 -0.71 -12.96
CA SER E 74 -17.67 -0.24 -13.63
C SER E 74 -17.47 -1.00 -14.94
N GLY E 75 -17.10 -0.28 -16.00
CA GLY E 75 -17.05 -0.87 -17.33
C GLY E 75 -15.83 -1.70 -17.66
N ASN E 76 -14.92 -1.78 -16.70
CA ASN E 76 -13.79 -2.70 -16.77
C ASN E 76 -14.17 -4.12 -17.18
N ASN E 77 -15.20 -4.66 -16.54
CA ASN E 77 -15.54 -6.08 -16.64
C ASN E 77 -16.74 -6.39 -17.53
N ILE E 78 -17.34 -5.37 -18.12
CA ILE E 78 -18.51 -5.63 -18.91
C ILE E 78 -18.07 -6.38 -20.14
N ALA E 79 -18.74 -7.48 -20.41
CA ALA E 79 -18.54 -8.24 -21.64
C ALA E 79 -19.68 -8.05 -22.64
N ILE E 80 -20.92 -8.13 -22.16
CA ILE E 80 -22.08 -8.27 -23.05
C ILE E 80 -23.24 -7.39 -22.57
N LEU E 81 -23.84 -6.63 -23.47
CA LEU E 81 -25.06 -5.88 -23.16
C LEU E 81 -26.28 -6.37 -23.93
N VAL E 82 -27.34 -6.74 -23.21
CA VAL E 82 -28.55 -7.24 -23.85
C VAL E 82 -29.82 -6.40 -23.64
N PRO E 83 -30.23 -5.64 -24.66
CA PRO E 83 -31.46 -4.83 -24.66
C PRO E 83 -32.66 -5.76 -24.51
N GLY E 84 -33.66 -5.33 -23.73
CA GLY E 84 -34.85 -6.13 -23.46
C GLY E 84 -34.77 -7.00 -22.21
N GLY E 85 -33.57 -7.25 -21.73
CA GLY E 85 -33.38 -7.91 -20.45
C GLY E 85 -33.59 -9.41 -20.33
N LYS E 86 -32.85 -10.20 -21.08
CA LYS E 86 -32.74 -11.62 -20.78
C LYS E 86 -34.09 -12.27 -20.63
N LYS E 87 -34.97 -12.03 -21.59
CA LYS E 87 -36.32 -12.55 -21.54
C LYS E 87 -36.37 -14.01 -21.11
N SER F 10 -22.16 12.73 -19.17
CA SER F 10 -21.66 13.02 -17.84
C SER F 10 -22.65 12.55 -16.77
N VAL F 11 -23.25 11.39 -17.01
CA VAL F 11 -24.32 10.85 -16.17
C VAL F 11 -23.69 10.15 -14.97
N THR F 12 -22.48 9.64 -15.20
CA THR F 12 -21.73 8.86 -14.25
C THR F 12 -21.09 9.78 -13.22
N THR F 13 -20.55 10.90 -13.68
CA THR F 13 -19.94 11.87 -12.78
C THR F 13 -21.04 12.54 -11.98
N GLU F 14 -22.20 12.66 -12.58
CA GLU F 14 -23.35 13.25 -11.91
C GLU F 14 -23.87 12.30 -10.83
N PHE F 15 -23.71 11.01 -11.07
CA PHE F 15 -24.10 9.98 -10.11
C PHE F 15 -23.23 9.95 -8.87
N LEU F 16 -21.93 10.05 -9.05
CA LEU F 16 -21.08 10.09 -7.88
C LEU F 16 -21.35 11.35 -7.04
N SER F 17 -21.58 12.49 -7.67
CA SER F 17 -21.90 13.72 -6.94
C SER F 17 -22.94 13.57 -5.85
N ASP F 18 -24.12 13.15 -6.32
CA ASP F 18 -25.30 13.09 -5.50
C ASP F 18 -25.44 11.74 -4.81
N ILE F 19 -24.33 11.06 -4.61
CA ILE F 19 -24.34 9.89 -3.77
C ILE F 19 -23.31 9.99 -2.65
N ILE F 20 -22.56 11.08 -2.65
CA ILE F 20 -21.72 11.40 -1.51
C ILE F 20 -22.63 11.45 -0.30
N GLY F 21 -22.28 10.72 0.75
CA GLY F 21 -23.09 10.75 1.95
C GLY F 21 -24.14 9.66 2.06
N LYS F 22 -24.52 9.02 0.96
CA LYS F 22 -25.50 7.94 1.08
C LYS F 22 -24.79 6.66 1.49
N THR F 23 -25.52 5.73 2.12
CA THR F 23 -24.99 4.41 2.40
C THR F 23 -24.91 3.60 1.13
N VAL F 24 -23.82 2.87 0.91
CA VAL F 24 -23.76 2.09 -0.31
C VAL F 24 -23.25 0.67 -0.11
N ASN F 25 -23.36 -0.13 -1.17
CA ASN F 25 -22.65 -1.39 -1.26
C ASN F 25 -21.60 -1.31 -2.34
N VAL F 26 -20.36 -1.61 -1.99
CA VAL F 26 -19.29 -1.62 -2.96
C VAL F 26 -18.75 -3.03 -2.97
N LYS F 27 -18.93 -3.72 -4.08
CA LYS F 27 -18.38 -5.06 -4.21
C LYS F 27 -17.16 -5.01 -5.09
N LEU F 28 -16.11 -5.65 -4.60
CA LEU F 28 -14.86 -5.76 -5.31
C LEU F 28 -14.89 -6.94 -6.26
N ALA F 29 -13.84 -7.04 -7.07
CA ALA F 29 -13.68 -8.13 -8.02
C ALA F 29 -13.44 -9.44 -7.29
N SER F 30 -12.90 -9.35 -6.07
CA SER F 30 -12.69 -10.53 -5.25
C SER F 30 -14.04 -11.11 -4.82
N GLY F 31 -15.10 -10.35 -5.05
CA GLY F 31 -16.45 -10.76 -4.73
C GLY F 31 -16.87 -10.27 -3.37
N LEU F 32 -15.90 -9.82 -2.59
CA LEU F 32 -16.12 -9.20 -1.30
C LEU F 32 -16.96 -7.94 -1.36
N LEU F 33 -17.82 -7.76 -0.35
CA LEU F 33 -18.80 -6.69 -0.40
C LEU F 33 -18.67 -5.81 0.83
N TYR F 34 -18.45 -4.52 0.60
CA TYR F 34 -18.26 -3.60 1.70
C TYR F 34 -19.42 -2.61 1.73
N SER F 35 -20.03 -2.43 2.89
CA SER F 35 -21.09 -1.44 3.06
C SER F 35 -20.77 -0.39 4.12
N GLY F 36 -21.19 0.85 3.87
CA GLY F 36 -21.07 1.96 4.81
C GLY F 36 -21.25 3.28 4.06
N ARG F 37 -20.79 4.41 4.58
CA ARG F 37 -21.14 5.63 3.88
C ARG F 37 -20.03 6.11 2.96
N LEU F 38 -20.43 6.38 1.73
CA LEU F 38 -19.57 6.81 0.62
C LEU F 38 -19.18 8.28 0.66
N GLU F 39 -17.92 8.61 0.90
CA GLU F 39 -17.52 10.01 0.78
C GLU F 39 -16.33 10.43 -0.10
N SER F 40 -15.81 9.59 -0.98
CA SER F 40 -14.66 10.00 -1.79
C SER F 40 -14.80 9.98 -3.31
N ILE F 41 -15.07 8.83 -3.92
CA ILE F 41 -15.24 8.78 -5.35
C ILE F 41 -14.08 9.42 -6.12
N ASP F 42 -12.89 8.90 -5.94
CA ASP F 42 -11.68 9.51 -6.50
C ASP F 42 -11.88 9.76 -7.98
N GLY F 43 -12.59 8.89 -8.64
CA GLY F 43 -12.84 9.04 -10.06
C GLY F 43 -11.97 8.12 -10.86
N PHE F 44 -10.94 7.60 -10.23
CA PHE F 44 -10.36 6.31 -10.61
C PHE F 44 -11.27 5.30 -9.92
N MET F 45 -12.31 5.85 -9.30
CA MET F 45 -13.28 5.11 -8.51
C MET F 45 -12.66 4.48 -7.28
N ASN F 46 -11.54 5.04 -6.80
CA ASN F 46 -11.17 4.79 -5.42
C ASN F 46 -12.30 5.30 -4.54
N VAL F 47 -12.62 4.59 -3.48
CA VAL F 47 -13.77 4.94 -2.64
C VAL F 47 -13.27 5.06 -1.21
N ALA F 48 -13.74 6.06 -0.48
CA ALA F 48 -13.60 6.01 0.97
C ALA F 48 -14.95 5.91 1.68
N LEU F 49 -15.00 4.99 2.63
CA LEU F 49 -16.20 4.72 3.42
C LEU F 49 -15.93 4.71 4.92
N SER F 50 -16.87 5.33 5.64
CA SER F 50 -16.92 5.26 7.08
C SER F 50 -17.97 4.24 7.52
N SER F 51 -17.77 3.64 8.69
CA SER F 51 -18.62 2.56 9.20
C SER F 51 -18.74 1.34 8.28
N ALA F 52 -17.64 0.95 7.63
CA ALA F 52 -17.71 -0.14 6.66
C ALA F 52 -17.82 -1.54 7.31
N THR F 53 -18.82 -2.32 6.87
CA THR F 53 -18.88 -3.76 7.13
C THR F 53 -18.42 -4.61 5.94
N GLU F 54 -17.96 -5.82 6.23
CA GLU F 54 -17.53 -6.77 5.19
C GLU F 54 -18.30 -8.08 5.13
N HIS F 55 -18.95 -8.35 4.00
CA HIS F 55 -19.60 -9.64 3.76
C HIS F 55 -19.05 -10.25 2.47
N TYR F 56 -19.07 -11.58 2.33
CA TYR F 56 -18.52 -12.22 1.11
C TYR F 56 -19.22 -12.06 -0.23
N GLU F 57 -20.51 -12.28 -0.28
CA GLU F 57 -21.28 -11.90 -1.47
C GLU F 57 -22.65 -11.27 -1.20
N SER F 58 -23.20 -11.57 -0.04
CA SER F 58 -24.52 -11.09 0.32
C SER F 58 -24.55 -10.56 1.72
N ASN F 59 -25.46 -9.63 1.95
CA ASN F 59 -25.70 -9.10 3.27
C ASN F 59 -26.12 -10.24 4.19
N ASN F 60 -26.72 -11.28 3.62
CA ASN F 60 -27.14 -12.46 4.38
C ASN F 60 -26.01 -13.38 4.88
N ASN F 61 -24.78 -13.16 4.44
CA ASN F 61 -23.73 -14.03 4.92
C ASN F 61 -23.04 -13.64 6.23
N LYS F 62 -22.18 -14.53 6.70
CA LYS F 62 -21.41 -14.30 7.90
C LYS F 62 -20.64 -12.99 7.83
N LEU F 63 -20.74 -12.16 8.86
CA LEU F 63 -19.93 -10.95 8.93
C LEU F 63 -18.48 -11.39 9.04
N LEU F 64 -17.62 -10.99 8.10
CA LEU F 64 -16.23 -11.43 8.16
C LEU F 64 -15.40 -10.39 8.90
N ASN F 65 -15.65 -9.11 8.65
CA ASN F 65 -14.93 -8.05 9.34
C ASN F 65 -15.81 -6.81 9.41
N LYS F 66 -15.73 -6.14 10.55
CA LYS F 66 -16.36 -4.82 10.73
C LYS F 66 -15.34 -3.73 10.96
N PHE F 67 -15.48 -2.59 10.29
CA PHE F 67 -14.45 -1.57 10.44
C PHE F 67 -15.04 -0.40 11.20
N ASN F 68 -14.23 0.14 12.11
CA ASN F 68 -14.65 1.20 13.01
C ASN F 68 -14.08 2.56 12.65
N SER F 69 -13.15 2.58 11.71
CA SER F 69 -12.71 3.84 11.14
C SER F 69 -12.89 3.85 9.63
N ASP F 70 -12.41 4.92 8.99
CA ASP F 70 -12.54 5.01 7.54
C ASP F 70 -11.75 3.90 6.84
N VAL F 71 -12.40 3.35 5.83
CA VAL F 71 -11.81 2.41 4.90
C VAL F 71 -11.48 2.96 3.54
N PHE F 72 -10.29 2.62 3.03
CA PHE F 72 -9.90 3.03 1.69
C PHE F 72 -9.99 1.82 0.77
N LEU F 73 -10.56 1.99 -0.42
CA LEU F 73 -10.78 0.86 -1.32
C LEU F 73 -10.22 1.23 -2.68
N ARG F 74 -9.51 0.27 -3.27
CA ARG F 74 -8.90 0.44 -4.58
C ARG F 74 -9.88 0.53 -5.73
N GLY F 75 -9.84 1.65 -6.45
CA GLY F 75 -10.60 1.78 -7.68
C GLY F 75 -10.41 0.71 -8.73
N THR F 76 -9.21 0.14 -8.81
CA THR F 76 -8.96 -0.87 -9.83
C THR F 76 -9.74 -2.14 -9.54
N GLN F 77 -10.16 -2.27 -8.29
CA GLN F 77 -10.86 -3.46 -7.84
C GLN F 77 -12.36 -3.29 -7.68
N VAL F 78 -12.89 -2.10 -7.93
CA VAL F 78 -14.32 -1.91 -7.69
C VAL F 78 -15.06 -2.50 -8.86
N MET F 79 -15.99 -3.41 -8.57
CA MET F 79 -16.84 -3.97 -9.59
C MET F 79 -18.09 -3.15 -9.74
N TYR F 80 -18.75 -2.93 -8.61
CA TYR F 80 -19.90 -2.04 -8.60
C TYR F 80 -20.06 -1.24 -7.31
N ILE F 81 -20.92 -0.23 -7.40
CA ILE F 81 -21.32 0.52 -6.23
C ILE F 81 -22.82 0.72 -6.28
N SER F 82 -23.52 0.44 -5.20
CA SER F 82 -24.97 0.60 -5.23
C SER F 82 -25.45 1.11 -3.89
N GLU F 83 -26.55 1.87 -3.88
CA GLU F 83 -27.15 2.26 -2.62
C GLU F 83 -27.68 1.04 -1.88
N GLN F 84 -27.46 0.95 -0.58
CA GLN F 84 -28.14 -0.08 0.18
C GLN F 84 -29.43 0.54 0.71
N LYS F 85 -30.40 0.76 -0.16
CA LYS F 85 -31.69 1.29 0.28
C LYS F 85 -32.31 0.33 1.30
N ILE F 86 -32.08 -0.96 1.11
CA ILE F 86 -32.64 -2.00 1.96
C ILE F 86 -31.80 -3.25 1.90
N ALA G 26 -8.07 0.38 -39.96
CA ALA G 26 -7.48 -0.66 -39.12
C ALA G 26 -6.98 -1.83 -39.96
N ILE G 27 -7.05 -3.04 -39.40
CA ILE G 27 -6.38 -4.20 -39.98
C ILE G 27 -7.32 -5.21 -40.67
N LEU G 28 -8.47 -5.46 -40.05
CA LEU G 28 -9.53 -6.31 -40.60
C LEU G 28 -10.81 -5.59 -41.02
N ASP G 29 -11.11 -5.57 -42.31
CA ASP G 29 -12.34 -4.93 -42.78
C ASP G 29 -13.55 -5.87 -42.60
N LEU G 30 -14.38 -5.51 -41.61
CA LEU G 30 -15.55 -6.25 -41.15
C LEU G 30 -16.79 -6.29 -42.06
N ALA G 31 -16.85 -5.38 -43.02
CA ALA G 31 -17.93 -5.29 -44.01
C ALA G 31 -18.27 -6.62 -44.65
N LYS G 32 -17.23 -7.42 -44.89
CA LYS G 32 -17.30 -8.72 -45.53
C LYS G 32 -18.09 -9.78 -44.74
N TYR G 33 -18.30 -9.61 -43.44
CA TYR G 33 -18.99 -10.69 -42.74
C TYR G 33 -20.50 -10.46 -42.53
N LYS G 34 -21.05 -9.42 -43.14
CA LYS G 34 -22.38 -8.91 -42.76
C LYS G 34 -23.37 -10.05 -42.82
N ASP G 35 -24.27 -10.17 -41.86
CA ASP G 35 -25.24 -11.28 -41.83
C ASP G 35 -24.64 -12.64 -42.19
N SER G 36 -23.43 -12.86 -41.71
CA SER G 36 -22.74 -14.13 -41.89
C SER G 36 -22.59 -14.60 -40.47
N LYS G 37 -22.32 -15.88 -40.30
CA LYS G 37 -22.16 -16.43 -38.96
C LYS G 37 -20.98 -15.76 -38.29
N ILE G 38 -21.12 -15.41 -37.03
CA ILE G 38 -20.02 -14.81 -36.30
C ILE G 38 -19.71 -15.69 -35.11
N ARG G 39 -18.46 -16.06 -34.98
CA ARG G 39 -18.01 -16.86 -33.86
C ARG G 39 -17.05 -15.97 -33.10
N VAL G 40 -17.33 -15.73 -31.82
CA VAL G 40 -16.55 -14.74 -31.11
C VAL G 40 -16.06 -15.16 -29.75
N LYS G 41 -14.74 -15.23 -29.60
CA LYS G 41 -14.14 -15.52 -28.31
C LYS G 41 -14.01 -14.22 -27.50
N LEU G 42 -14.13 -14.35 -26.19
CA LEU G 42 -14.10 -13.21 -25.27
C LEU G 42 -13.11 -13.47 -24.14
N MET G 43 -12.60 -12.38 -23.58
CA MET G 43 -11.53 -12.42 -22.59
C MET G 43 -11.78 -13.36 -21.41
N GLY G 44 -12.99 -13.36 -20.89
CA GLY G 44 -13.29 -14.17 -19.72
C GLY G 44 -13.50 -15.66 -19.94
N GLY G 45 -13.29 -16.14 -21.16
CA GLY G 45 -13.47 -17.55 -21.44
C GLY G 45 -14.71 -17.81 -22.27
N LYS G 46 -15.57 -16.80 -22.35
CA LYS G 46 -16.82 -16.90 -23.10
C LYS G 46 -16.63 -16.95 -24.61
N LEU G 47 -17.51 -17.68 -25.28
CA LEU G 47 -17.54 -17.70 -26.74
C LEU G 47 -18.94 -17.32 -27.18
N VAL G 48 -19.04 -16.48 -28.20
CA VAL G 48 -20.35 -16.01 -28.66
C VAL G 48 -20.50 -16.16 -30.16
N ILE G 49 -21.63 -16.65 -30.63
CA ILE G 49 -21.86 -16.75 -32.06
C ILE G 49 -23.15 -16.05 -32.48
N GLY G 50 -23.11 -15.36 -33.62
CA GLY G 50 -24.27 -14.65 -34.13
C GLY G 50 -24.01 -13.94 -35.46
N VAL G 51 -25.05 -13.36 -36.05
CA VAL G 51 -24.93 -12.66 -37.33
C VAL G 51 -24.59 -11.18 -37.16
N LEU G 52 -23.57 -10.69 -37.88
CA LEU G 52 -23.20 -9.27 -37.74
C LEU G 52 -24.23 -8.30 -38.31
N LYS G 53 -24.61 -7.34 -37.51
CA LYS G 53 -25.50 -6.25 -37.84
C LYS G 53 -24.83 -4.86 -37.89
N GLY G 54 -23.77 -4.69 -37.10
CA GLY G 54 -23.07 -3.42 -37.06
C GLY G 54 -21.79 -3.38 -36.25
N TYR G 55 -21.12 -2.23 -36.25
CA TYR G 55 -19.78 -2.12 -35.71
C TYR G 55 -19.33 -0.70 -35.43
N ASP G 56 -18.18 -0.56 -34.76
CA ASP G 56 -17.64 0.78 -34.52
C ASP G 56 -16.16 0.72 -34.90
N GLN G 57 -15.44 1.84 -34.82
CA GLN G 57 -14.04 1.86 -35.24
C GLN G 57 -13.17 0.97 -34.34
N LEU G 58 -13.57 0.90 -33.09
CA LEU G 58 -12.97 0.10 -32.02
C LEU G 58 -13.41 -1.36 -31.92
N MET G 59 -14.13 -1.87 -32.92
CA MET G 59 -14.58 -3.25 -32.92
C MET G 59 -15.57 -3.57 -31.80
N ASN G 60 -16.21 -2.55 -31.24
CA ASN G 60 -17.46 -2.83 -30.55
C ASN G 60 -18.37 -3.49 -31.61
N LEU G 61 -19.17 -4.45 -31.20
CA LEU G 61 -20.02 -5.14 -32.17
C LEU G 61 -21.48 -5.22 -31.78
N VAL G 62 -22.35 -5.16 -32.77
CA VAL G 62 -23.76 -5.53 -32.62
C VAL G 62 -24.03 -6.90 -33.25
N LEU G 63 -24.42 -7.89 -32.45
CA LEU G 63 -24.78 -9.19 -33.02
C LEU G 63 -26.26 -9.55 -32.84
N ASP G 64 -26.86 -10.07 -33.90
CA ASP G 64 -28.20 -10.64 -33.80
C ASP G 64 -28.17 -12.16 -33.80
N ASP G 65 -29.26 -12.78 -33.34
CA ASP G 65 -29.38 -14.23 -33.21
C ASP G 65 -28.21 -14.89 -32.49
N THR G 66 -27.90 -14.44 -31.28
CA THR G 66 -26.67 -14.86 -30.62
C THR G 66 -26.77 -15.93 -29.54
N VAL G 67 -25.86 -16.88 -29.66
CA VAL G 67 -25.69 -18.03 -28.81
C VAL G 67 -24.38 -17.92 -28.05
N GLU G 68 -24.39 -18.00 -26.72
CA GLU G 68 -23.12 -17.89 -25.98
C GLU G 68 -22.78 -19.28 -25.44
N TYR G 69 -21.49 -19.53 -25.24
CA TYR G 69 -21.03 -20.87 -24.89
C TYR G 69 -20.52 -20.95 -23.46
N MET G 70 -20.76 -22.10 -22.82
CA MET G 70 -20.39 -22.32 -21.42
C MET G 70 -18.97 -22.88 -21.27
N SER G 71 -18.14 -22.15 -20.52
CA SER G 71 -16.77 -22.60 -20.25
C SER G 71 -16.56 -22.78 -18.75
N ASN G 72 -15.93 -23.90 -18.38
CA ASN G 72 -15.63 -24.18 -16.98
C ASN G 72 -14.18 -23.87 -16.62
N ARG G 87 -28.91 -21.41 -23.98
CA ARG G 87 -27.79 -20.47 -23.95
C ARG G 87 -27.92 -19.40 -25.02
N LYS G 88 -29.00 -19.46 -25.80
CA LYS G 88 -29.30 -18.37 -26.71
C LYS G 88 -30.25 -17.31 -26.15
N LEU G 89 -29.88 -16.05 -26.41
CA LEU G 89 -30.55 -14.87 -25.91
C LEU G 89 -30.89 -14.00 -27.11
N GLY G 90 -30.22 -14.33 -28.20
CA GLY G 90 -30.33 -13.62 -29.48
C GLY G 90 -29.72 -12.23 -29.60
N LEU G 91 -30.38 -11.17 -29.15
CA LEU G 91 -29.80 -9.84 -29.38
C LEU G 91 -28.73 -9.31 -28.39
N THR G 92 -27.57 -8.87 -28.91
CA THR G 92 -26.46 -8.40 -28.05
C THR G 92 -25.59 -7.28 -28.62
N VAL G 93 -24.80 -6.68 -27.73
CA VAL G 93 -23.81 -5.67 -28.10
C VAL G 93 -22.52 -6.17 -27.46
N ILE G 94 -21.45 -6.39 -28.21
CA ILE G 94 -20.20 -6.85 -27.58
C ILE G 94 -19.11 -5.76 -27.49
N ARG G 95 -18.45 -5.64 -26.34
CA ARG G 95 -17.39 -4.65 -26.19
C ARG G 95 -16.09 -5.06 -26.91
N GLY G 96 -15.61 -4.21 -27.81
CA GLY G 96 -14.36 -4.44 -28.52
C GLY G 96 -13.10 -4.69 -27.68
N THR G 97 -13.11 -4.12 -26.47
CA THR G 97 -11.97 -4.14 -25.56
C THR G 97 -11.77 -5.55 -25.03
N ILE G 98 -12.87 -6.30 -25.04
CA ILE G 98 -12.94 -7.61 -24.43
C ILE G 98 -12.77 -8.70 -25.50
N LEU G 99 -12.65 -8.27 -26.76
CA LEU G 99 -12.57 -9.22 -27.87
C LEU G 99 -11.20 -9.87 -27.86
N VAL G 100 -11.14 -11.20 -27.94
CA VAL G 100 -9.84 -11.84 -28.09
C VAL G 100 -9.57 -12.55 -29.43
N SER G 101 -10.59 -13.18 -29.99
CA SER G 101 -10.51 -13.62 -31.38
C SER G 101 -11.87 -13.68 -32.07
N LEU G 102 -11.86 -13.53 -33.39
CA LEU G 102 -13.08 -13.61 -34.17
C LEU G 102 -12.91 -14.48 -35.41
N SER G 103 -13.89 -15.32 -35.74
CA SER G 103 -13.88 -15.96 -37.05
C SER G 103 -15.27 -16.36 -37.53
N SER G 104 -15.32 -16.82 -38.78
CA SER G 104 -16.50 -17.44 -39.37
C SER G 104 -16.87 -18.75 -38.70
N ALA G 105 -18.16 -19.09 -38.69
CA ALA G 105 -18.60 -20.40 -38.20
C ALA G 105 -19.61 -20.99 -39.19
N GLU G 106 -19.54 -22.29 -39.44
CA GLU G 106 -20.56 -22.93 -40.25
C GLU G 106 -21.87 -23.00 -39.46
N GLY G 107 -21.73 -23.06 -38.13
CA GLY G 107 -22.81 -23.08 -37.16
C GLY G 107 -24.11 -22.31 -37.34
N SER G 108 -24.05 -20.98 -37.39
CA SER G 108 -25.25 -20.18 -37.63
C SER G 108 -25.96 -20.55 -38.92
N LYS H 16 -7.83 13.17 22.48
CA LYS H 16 -8.39 13.77 21.27
C LYS H 16 -9.91 13.88 21.35
N SER H 17 -10.38 14.97 21.95
CA SER H 17 -11.81 15.26 21.99
C SER H 17 -12.35 15.36 20.58
N GLY H 18 -11.59 16.04 19.72
CA GLY H 18 -11.90 16.14 18.31
C GLY H 18 -11.82 14.78 17.63
N GLY H 19 -12.12 14.77 16.33
CA GLY H 19 -12.27 13.52 15.60
C GLY H 19 -11.06 12.61 15.55
N LYS H 20 -9.87 13.21 15.61
CA LYS H 20 -8.61 12.55 15.22
C LYS H 20 -8.59 12.45 13.69
N LYS H 21 -9.75 12.63 13.06
CA LYS H 21 -9.77 12.94 11.65
C LYS H 21 -9.38 14.40 11.56
N PHE H 22 -9.93 15.19 12.49
CA PHE H 22 -9.67 16.62 12.59
C PHE H 22 -8.22 16.91 12.94
N ILE H 23 -7.72 16.28 14.00
CA ILE H 23 -6.38 16.55 14.47
C ILE H 23 -5.35 16.08 13.47
N LEU H 24 -5.63 15.01 12.75
CA LEU H 24 -4.72 14.56 11.72
C LEU H 24 -4.70 15.56 10.57
N GLU H 25 -5.88 16.12 10.27
CA GLU H 25 -5.96 17.20 9.29
C GLU H 25 -5.03 18.31 9.73
N LEU H 26 -5.28 18.84 10.92
CA LEU H 26 -4.48 19.91 11.49
C LEU H 26 -2.99 19.64 11.40
N ILE H 27 -2.59 18.49 11.91
CA ILE H 27 -1.19 18.14 12.01
C ILE H 27 -0.57 17.98 10.63
N GLU H 28 -1.39 17.75 9.61
CA GLU H 28 -0.87 17.63 8.27
C GLU H 28 -0.93 18.97 7.53
N THR H 29 -1.82 19.84 7.99
CA THR H 29 -1.89 21.21 7.49
C THR H 29 -0.67 21.99 7.93
N VAL H 30 -0.34 21.87 9.21
CA VAL H 30 0.88 22.44 9.75
C VAL H 30 2.06 21.86 9.00
N TYR H 31 1.97 20.59 8.65
CA TYR H 31 3.04 19.95 7.91
C TYR H 31 3.10 20.50 6.48
N GLU H 32 1.95 20.78 5.90
CA GLU H 32 1.92 21.40 4.60
C GLU H 32 2.53 22.79 4.68
N GLU H 33 1.95 23.61 5.55
CA GLU H 33 2.34 25.02 5.65
C GLU H 33 3.82 25.22 5.91
N ILE H 34 4.39 24.35 6.74
CA ILE H 34 5.80 24.44 7.05
C ILE H 34 6.63 23.82 5.92
N LEU H 35 5.94 23.11 5.03
CA LEU H 35 6.63 22.54 3.87
C LEU H 35 6.79 23.59 2.77
N ASP H 36 5.85 24.53 2.70
CA ASP H 36 5.96 25.64 1.76
C ASP H 36 6.93 26.67 2.29
N LEU H 37 6.78 27.02 3.57
CA LEU H 37 7.62 28.02 4.21
C LEU H 37 9.09 27.62 4.17
N GLU H 38 9.36 26.33 4.12
CA GLU H 38 10.72 25.86 3.96
C GLU H 38 11.07 25.85 2.48
N ALA H 39 10.04 25.69 1.67
CA ALA H 39 10.21 25.69 0.24
C ALA H 39 10.24 27.10 -0.28
N ASN H 40 10.08 28.06 0.61
CA ASN H 40 10.14 29.44 0.20
C ASN H 40 11.50 29.99 0.50
N LEU H 41 12.45 29.09 0.61
CA LEU H 41 13.83 29.47 0.79
C LEU H 41 14.78 29.14 -0.34
N ARG H 42 14.18 28.90 -1.50
CA ARG H 42 14.41 29.61 -2.72
C ARG H 42 13.74 30.89 -2.32
N ASN H 43 14.15 32.01 -2.89
CA ASN H 43 13.66 33.27 -2.40
C ASN H 43 12.16 33.28 -2.59
N GLY H 44 11.47 33.79 -1.59
CA GLY H 44 10.04 33.95 -1.63
C GLY H 44 9.86 34.87 -0.48
N GLN H 45 8.65 35.37 -0.23
CA GLN H 45 8.47 36.23 0.90
C GLN H 45 8.41 35.24 2.03
N GLN H 46 9.53 35.04 2.69
CA GLN H 46 9.67 33.91 3.60
C GLN H 46 8.78 33.92 4.79
N THR H 47 8.67 35.03 5.48
CA THR H 47 7.85 34.99 6.65
C THR H 47 6.38 35.14 6.33
N ASP H 48 5.80 34.08 5.80
CA ASP H 48 4.35 34.00 5.74
C ASP H 48 3.85 33.17 6.93
N SER H 49 4.62 33.19 8.02
CA SER H 49 4.29 32.39 9.18
C SER H 49 2.95 32.81 9.77
N THR H 50 2.50 34.02 9.41
CA THR H 50 1.17 34.48 9.81
C THR H 50 0.08 33.58 9.26
N ALA H 51 0.41 32.84 8.21
CA ALA H 51 -0.53 31.89 7.62
C ALA H 51 -0.44 30.51 8.27
N MET H 52 0.75 30.16 8.79
CA MET H 52 0.98 28.87 9.46
C MET H 52 0.48 28.83 10.89
N TRP H 53 0.80 29.87 11.63
CA TRP H 53 0.39 30.05 13.01
C TRP H 53 -1.10 29.84 13.21
N GLU H 54 -1.90 30.41 12.33
CA GLU H 54 -3.35 30.26 12.41
C GLU H 54 -3.81 28.81 12.40
N ALA H 55 -2.93 27.91 11.99
CA ALA H 55 -3.26 26.49 11.95
C ALA H 55 -2.96 25.79 13.27
N LEU H 56 -2.15 26.42 14.10
CA LEU H 56 -1.81 25.85 15.39
C LEU H 56 -2.92 25.97 16.42
N HIS H 57 -3.86 26.88 16.16
CA HIS H 57 -4.99 27.11 17.06
C HIS H 57 -4.59 27.41 18.48
N ILE H 58 -3.38 27.92 18.68
CA ILE H 58 -2.91 28.27 20.01
C ILE H 58 -3.86 29.28 20.64
N ASP H 59 -4.12 30.35 19.92
CA ASP H 59 -5.02 31.38 20.42
C ASP H 59 -6.42 30.84 20.62
N ASP H 60 -6.82 29.87 19.81
CA ASP H 60 -8.23 29.56 19.77
C ASP H 60 -8.61 28.76 20.97
N SER H 61 -9.29 29.39 21.92
CA SER H 61 -9.88 28.66 23.01
C SER H 61 -11.29 28.27 22.62
N SER H 62 -11.43 27.50 21.55
CA SER H 62 -12.76 27.09 21.13
C SER H 62 -13.05 25.66 21.46
N TYR H 63 -12.15 25.02 22.18
CA TYR H 63 -12.30 23.60 22.46
C TYR H 63 -12.17 23.31 23.96
N ASP H 64 -12.40 22.06 24.34
CA ASP H 64 -12.18 21.64 25.72
C ASP H 64 -10.69 21.44 25.96
N VAL H 65 -10.02 20.93 24.94
CA VAL H 65 -8.56 20.87 24.92
C VAL H 65 -8.03 21.53 23.65
N ASN H 66 -7.14 22.50 23.83
CA ASN H 66 -6.56 23.25 22.73
C ASN H 66 -5.90 22.36 21.68
N PRO H 67 -6.41 22.43 20.43
CA PRO H 67 -5.98 21.59 19.30
C PRO H 67 -4.46 21.45 19.16
N PHE H 68 -3.69 22.40 19.65
CA PHE H 68 -2.24 22.24 19.61
C PHE H 68 -1.84 21.17 20.63
N ILE H 69 -2.41 21.26 21.83
CA ILE H 69 -2.12 20.28 22.89
C ILE H 69 -2.52 18.88 22.42
N SER H 70 -3.59 18.80 21.64
CA SER H 70 -4.03 17.53 21.07
C SER H 70 -3.01 16.96 20.10
N MET H 71 -2.65 17.72 19.08
CA MET H 71 -1.70 17.22 18.08
C MET H 71 -0.31 17.05 18.68
N LEU H 72 -0.14 17.57 19.87
CA LEU H 72 1.11 17.41 20.58
C LEU H 72 1.17 15.99 21.15
N SER H 73 0.04 15.31 21.10
CA SER H 73 -0.03 13.93 21.56
C SER H 73 0.48 12.96 20.50
N PHE H 74 0.16 13.24 19.25
CA PHE H 74 0.60 12.41 18.14
C PHE H 74 2.11 12.48 17.93
N ASP H 75 2.66 11.45 17.31
CA ASP H 75 4.10 11.34 17.19
C ASP H 75 4.67 12.39 16.24
N LYS H 76 4.06 12.53 15.07
CA LYS H 76 4.57 13.45 14.06
C LYS H 76 4.40 14.91 14.50
N GLY H 77 3.59 15.15 15.52
CA GLY H 77 3.44 16.47 16.08
C GLY H 77 4.71 16.88 16.81
N ILE H 78 5.12 16.02 17.75
CA ILE H 78 6.31 16.27 18.52
C ILE H 78 7.53 16.33 17.61
N LYS H 79 7.49 15.54 16.54
CA LYS H 79 8.62 15.46 15.63
C LYS H 79 8.78 16.74 14.82
N ILE H 80 7.70 17.48 14.64
CA ILE H 80 7.72 18.65 13.77
C ILE H 80 7.84 19.96 14.55
N MET H 81 7.96 19.85 15.86
CA MET H 81 8.12 21.02 16.73
C MET H 81 9.42 21.81 16.58
N PRO H 82 10.56 21.14 16.25
CA PRO H 82 11.76 21.98 16.16
C PRO H 82 11.72 22.86 14.94
N ARG H 83 11.16 22.32 13.86
CA ARG H 83 11.10 23.02 12.60
C ARG H 83 10.09 24.15 12.69
N ILE H 84 8.97 23.88 13.34
CA ILE H 84 7.93 24.88 13.47
C ILE H 84 8.42 26.02 14.33
N PHE H 85 9.31 25.75 15.28
CA PHE H 85 9.78 26.81 16.16
C PHE H 85 10.74 27.73 15.42
N ASN H 86 11.34 27.22 14.34
CA ASN H 86 12.27 28.01 13.52
C ASN H 86 11.65 29.25 12.90
N PHE H 87 10.40 29.15 12.49
CA PHE H 87 9.73 30.26 11.82
C PHE H 87 8.88 31.05 12.80
N LEU H 88 9.27 31.02 14.07
CA LEU H 88 8.46 31.63 15.10
C LEU H 88 9.17 32.80 15.77
N ASP H 89 8.37 33.65 16.40
CA ASP H 89 8.85 34.90 16.97
C ASP H 89 8.55 34.94 18.46
N LYS H 90 9.57 34.94 19.30
CA LYS H 90 9.38 35.01 20.76
C LYS H 90 8.21 35.93 21.12
N GLN H 91 7.32 35.40 21.95
CA GLN H 91 5.99 35.93 22.28
C GLN H 91 5.00 35.19 21.41
N GLN H 92 5.53 34.56 20.36
CA GLN H 92 4.80 33.49 19.74
C GLN H 92 5.37 32.20 20.33
N LYS H 93 6.70 32.15 20.41
CA LYS H 93 7.39 31.04 21.06
C LYS H 93 6.98 31.01 22.53
N LEU H 94 6.90 32.21 23.12
CA LEU H 94 6.46 32.33 24.50
C LEU H 94 4.98 32.03 24.62
N LYS H 95 4.21 32.30 23.57
CA LYS H 95 2.79 32.03 23.61
C LYS H 95 2.53 30.53 23.60
N ILE H 96 3.37 29.79 22.89
CA ILE H 96 3.22 28.34 22.79
C ILE H 96 3.63 27.66 24.09
N LEU H 97 4.78 28.05 24.62
CA LEU H 97 5.26 27.49 25.86
C LEU H 97 4.29 27.78 27.01
N GLN H 98 3.59 28.90 26.92
CA GLN H 98 2.57 29.20 27.91
C GLN H 98 1.36 28.30 27.73
N LYS H 99 1.10 27.88 26.49
CA LYS H 99 -0.04 27.03 26.22
C LYS H 99 0.22 25.63 26.72
N ILE H 100 1.47 25.19 26.60
CA ILE H 100 1.85 23.86 27.07
C ILE H 100 1.71 23.79 28.58
N PHE H 101 2.17 24.82 29.28
CA PHE H 101 2.11 24.82 30.73
C PHE H 101 0.69 25.00 31.26
N ASN H 102 -0.08 25.90 30.64
CA ASN H 102 -1.43 26.21 31.09
C ASN H 102 -2.37 25.01 31.01
N GLU H 103 -2.09 24.13 30.05
CA GLU H 103 -2.92 22.94 29.88
C GLU H 103 -2.10 21.69 30.05
N LEU H 104 -1.03 21.78 30.85
CA LEU H 104 -0.07 20.69 30.96
C LEU H 104 -0.71 19.36 31.36
N SER H 105 -1.77 19.43 32.15
CA SER H 105 -2.46 18.22 32.59
C SER H 105 -3.34 17.65 31.50
N HIS H 106 -3.34 18.27 30.33
CA HIS H 106 -4.13 17.78 29.20
C HIS H 106 -3.26 17.03 28.19
N LEU H 107 -1.95 17.18 28.31
CA LEU H 107 -1.04 16.46 27.43
C LEU H 107 -1.19 14.96 27.56
N GLN H 108 -1.50 14.29 26.46
CA GLN H 108 -1.67 12.84 26.47
C GLN H 108 -0.33 12.12 26.65
N ILE H 109 0.72 12.88 26.92
CA ILE H 109 2.02 12.29 27.24
C ILE H 109 2.42 12.72 28.64
N ILE H 110 1.56 13.51 29.27
CA ILE H 110 1.67 13.71 30.71
C ILE H 110 0.99 12.51 31.36
N ILE H 111 -0.14 12.13 30.78
CA ILE H 111 -0.91 10.96 31.17
C ILE H 111 -0.05 9.69 31.14
N LEU H 112 0.73 9.51 30.09
CA LEU H 112 1.46 8.26 29.89
C LEU H 112 2.68 8.10 30.79
N SER H 113 3.24 9.22 31.25
CA SER H 113 4.37 9.17 32.15
C SER H 113 3.92 8.97 33.59
N SER H 114 2.71 9.43 33.88
CA SER H 114 2.06 9.18 35.17
C SER H 114 1.84 7.69 35.38
N TYR H 115 2.31 7.16 36.51
CA TYR H 115 2.03 5.76 36.83
C TYR H 115 0.59 5.61 37.24
N LYS H 116 -0.01 6.71 37.69
CA LYS H 116 -1.37 6.70 38.20
C LYS H 116 -2.38 6.35 37.12
N THR H 117 -2.20 6.92 35.93
CA THR H 117 -3.19 6.78 34.89
C THR H 117 -2.85 5.69 33.88
N THR H 118 -1.57 5.58 33.53
CA THR H 118 -1.13 4.51 32.64
C THR H 118 -0.13 3.62 33.37
N PRO H 119 -0.66 2.65 34.13
CA PRO H 119 0.10 1.79 35.05
C PRO H 119 1.03 0.85 34.33
N LYS H 120 0.57 0.26 33.23
CA LYS H 120 1.43 -0.58 32.41
C LYS H 120 1.46 -0.06 30.98
N PRO H 121 2.52 0.68 30.65
CA PRO H 121 2.65 1.32 29.34
C PRO H 121 3.43 0.48 28.34
N THR H 122 2.79 0.11 27.23
CA THR H 122 3.44 -0.68 26.18
C THR H 122 4.78 -0.08 25.81
N LEU H 123 5.72 -0.92 25.39
CA LEU H 123 7.06 -0.49 25.02
C LEU H 123 7.02 0.70 24.07
N THR H 124 6.04 0.71 23.19
CA THR H 124 5.82 1.82 22.27
C THR H 124 5.55 3.11 23.03
N GLN H 125 4.69 3.04 24.04
CA GLN H 125 4.33 4.22 24.81
C GLN H 125 5.51 4.73 25.63
N LEU H 126 6.39 3.81 26.03
CA LEU H 126 7.62 4.21 26.72
C LEU H 126 8.48 4.98 25.75
N LYS H 127 8.52 4.50 24.51
CA LYS H 127 9.27 5.15 23.45
C LYS H 127 8.76 6.56 23.20
N LYS H 128 7.45 6.69 23.02
CA LYS H 128 6.85 7.99 22.74
C LYS H 128 7.18 9.01 23.84
N VAL H 129 7.24 8.54 25.08
CA VAL H 129 7.64 9.42 26.17
C VAL H 129 9.08 9.89 25.99
N ASP H 130 9.95 8.98 25.59
CA ASP H 130 11.35 9.30 25.35
C ASP H 130 11.50 10.33 24.25
N LEU H 131 10.64 10.24 23.24
CA LEU H 131 10.69 11.14 22.09
C LEU H 131 10.32 12.56 22.50
N PHE H 132 9.11 12.74 23.03
CA PHE H 132 8.65 14.02 23.56
C PHE H 132 9.69 14.62 24.48
N GLN H 133 10.39 13.74 25.19
CA GLN H 133 11.45 14.16 26.08
C GLN H 133 12.57 14.79 25.28
N MET H 134 13.08 14.05 24.29
CA MET H 134 14.26 14.48 23.56
C MET H 134 14.03 15.73 22.73
N ILE H 135 12.80 15.91 22.26
CA ILE H 135 12.49 17.01 21.35
C ILE H 135 11.94 18.27 22.04
N ILE H 136 10.88 18.10 22.83
CA ILE H 136 10.21 19.25 23.42
C ILE H 136 11.01 19.85 24.58
N LEU H 137 11.68 19.01 25.35
CA LEU H 137 12.47 19.53 26.46
C LEU H 137 13.63 20.36 25.92
N LYS H 138 14.29 19.85 24.88
CA LYS H 138 15.36 20.58 24.22
C LYS H 138 14.89 21.97 23.81
N ILE H 139 13.71 22.03 23.21
CA ILE H 139 13.13 23.30 22.81
C ILE H 139 12.92 24.20 24.02
N ILE H 140 12.28 23.66 25.04
CA ILE H 140 11.94 24.44 26.22
C ILE H 140 13.17 24.78 27.04
N VAL H 141 14.14 23.87 27.07
CA VAL H 141 15.37 24.15 27.81
C VAL H 141 16.19 25.21 27.07
N SER H 142 16.09 25.23 25.75
CA SER H 142 16.84 26.17 24.94
C SER H 142 16.19 27.53 25.00
N PHE H 143 14.90 27.59 24.72
CA PHE H 143 14.17 28.84 24.74
C PHE H 143 14.29 29.56 26.07
N LEU H 144 14.39 28.78 27.14
CA LEU H 144 14.48 29.36 28.48
C LEU H 144 15.91 29.73 28.83
N SER H 145 16.81 29.61 27.86
CA SER H 145 18.23 29.89 28.11
C SER H 145 18.73 31.07 27.29
N ASN H 146 18.40 31.07 25.99
CA ASN H 146 18.88 32.10 25.10
C ASN H 146 17.80 33.11 24.74
N ASN H 147 16.67 33.05 25.43
CA ASN H 147 15.53 33.85 25.00
C ASN H 147 14.54 34.22 26.10
N SER H 148 14.95 34.12 27.35
CA SER H 148 14.01 34.28 28.46
C SER H 148 14.22 35.51 29.32
N ASN H 149 13.11 36.02 29.84
CA ASN H 149 13.13 37.03 30.90
C ASN H 149 12.91 36.29 32.21
N PHE H 150 13.51 36.77 33.29
CA PHE H 150 13.25 36.19 34.60
C PHE H 150 11.75 36.26 34.87
N ILE H 151 11.16 37.42 34.64
CA ILE H 151 9.75 37.62 34.96
C ILE H 151 8.85 36.75 34.08
N GLU H 152 9.34 36.40 32.90
CA GLU H 152 8.57 35.54 32.01
C GLU H 152 8.68 34.08 32.47
N ILE H 153 9.80 33.74 33.08
CA ILE H 153 9.98 32.43 33.69
C ILE H 153 9.03 32.31 34.87
N MET H 154 8.85 33.43 35.58
CA MET H 154 7.88 33.48 36.66
C MET H 154 6.49 33.19 36.11
N GLY H 155 6.16 33.89 35.03
CA GLY H 155 4.87 33.73 34.37
C GLY H 155 4.62 32.30 33.93
N LEU H 156 5.61 31.70 33.26
CA LEU H 156 5.50 30.32 32.83
C LEU H 156 5.26 29.39 34.01
N LEU H 157 6.06 29.57 35.06
CA LEU H 157 5.98 28.73 36.24
C LEU H 157 4.63 28.85 36.91
N LEU H 158 4.24 30.09 37.19
CA LEU H 158 3.00 30.39 37.88
C LEU H 158 1.81 29.78 37.14
N GLN H 159 1.92 29.75 35.81
CA GLN H 159 0.86 29.23 34.96
C GLN H 159 0.66 27.73 35.17
N LEU H 160 1.77 27.02 35.31
CA LEU H 160 1.76 25.58 35.56
C LEU H 160 1.05 25.27 36.87
N ILE H 161 1.35 26.10 37.88
CA ILE H 161 0.79 25.92 39.22
C ILE H 161 -0.71 26.08 39.23
N ARG H 162 -1.15 27.27 38.84
CA ARG H 162 -2.54 27.70 39.01
C ARG H 162 -3.54 26.90 38.19
N ASN H 163 -3.08 26.07 37.26
CA ASN H 163 -4.02 25.37 36.39
C ASN H 163 -3.94 23.85 36.42
N ASN H 164 -3.30 23.29 37.44
CA ASN H 164 -3.27 21.84 37.49
C ASN H 164 -3.06 21.18 38.83
N ASN H 165 -3.39 19.90 38.89
CA ASN H 165 -3.37 19.20 40.14
C ASN H 165 -1.95 18.81 40.38
N VAL H 166 -1.21 19.76 40.90
CA VAL H 166 0.22 19.63 40.99
C VAL H 166 0.43 18.43 41.83
N SER H 167 1.51 17.75 41.54
CA SER H 167 1.95 16.55 42.22
C SER H 167 1.32 15.38 41.53
N PHE H 168 0.28 15.60 40.74
CA PHE H 168 -0.15 14.60 39.82
C PHE H 168 0.96 14.52 38.83
N LEU H 169 1.41 15.70 38.44
CA LEU H 169 2.45 15.81 37.44
C LEU H 169 3.74 15.16 37.94
N THR H 170 3.96 15.18 39.26
CA THR H 170 5.19 14.63 39.81
C THR H 170 5.32 13.12 39.62
N THR H 171 4.22 12.47 39.27
CA THR H 171 4.24 11.05 38.94
C THR H 171 4.71 10.83 37.51
N SER H 172 4.55 11.85 36.67
CA SER H 172 4.94 11.75 35.27
C SER H 172 6.39 12.18 35.05
N LYS H 173 7.15 11.29 34.42
CA LYS H 173 8.54 11.54 34.06
C LYS H 173 8.65 12.88 33.38
N ILE H 174 7.71 13.16 32.48
CA ILE H 174 7.73 14.38 31.69
C ILE H 174 7.42 15.62 32.53
N GLY H 175 6.32 15.56 33.28
CA GLY H 175 5.96 16.67 34.14
C GLY H 175 7.00 16.92 35.22
N LEU H 176 7.38 15.86 35.92
CA LEU H 176 8.37 15.97 36.97
C LEU H 176 9.66 16.59 36.43
N ASN H 177 10.08 16.17 35.25
CA ASN H 177 11.27 16.75 34.62
C ASN H 177 11.03 18.19 34.23
N LEU H 178 9.81 18.49 33.80
CA LEU H 178 9.44 19.85 33.41
C LEU H 178 9.58 20.79 34.59
N ILE H 179 8.95 20.42 35.70
CA ILE H 179 9.03 21.19 36.94
C ILE H 179 10.49 21.49 37.26
N THR H 180 11.31 20.45 37.17
CA THR H 180 12.74 20.56 37.45
C THR H 180 13.39 21.63 36.59
N ILE H 181 12.98 21.70 35.32
CA ILE H 181 13.57 22.66 34.38
C ILE H 181 13.19 24.09 34.72
N LEU H 182 11.91 24.32 34.99
CA LEU H 182 11.44 25.64 35.38
C LEU H 182 12.19 26.15 36.59
N ILE H 183 12.13 25.38 37.66
CA ILE H 183 12.77 25.74 38.91
C ILE H 183 14.27 25.97 38.73
N SER H 184 14.97 24.95 38.22
CA SER H 184 16.43 24.98 38.14
C SER H 184 16.97 26.17 37.36
N ARG H 185 16.40 26.42 36.18
CA ARG H 185 16.85 27.54 35.36
C ARG H 185 16.51 28.86 36.03
N ALA H 186 15.41 28.88 36.78
CA ALA H 186 15.03 30.07 37.52
C ALA H 186 16.06 30.36 38.60
N ALA H 187 16.26 29.40 39.50
CA ALA H 187 17.21 29.57 40.61
C ALA H 187 18.66 29.67 40.12
N LEU H 188 18.90 29.28 38.86
CA LEU H 188 20.23 29.40 38.28
C LEU H 188 20.49 30.83 37.85
N ILE H 189 19.51 31.70 38.11
CA ILE H 189 19.73 33.12 37.97
C ILE H 189 20.15 33.65 39.33
N LYS H 190 21.41 33.38 39.68
CA LYS H 190 22.01 33.88 40.90
C LYS H 190 22.90 35.07 40.57
N GLN H 191 23.06 35.33 39.28
CA GLN H 191 23.83 36.46 38.80
C GLN H 191 23.18 37.77 39.24
N ASP H 192 23.95 38.85 39.22
CA ASP H 192 23.51 40.15 39.75
C ASP H 192 22.59 40.91 38.79
N SER H 193 21.72 41.73 39.36
CA SER H 193 20.71 42.52 38.64
C SER H 193 19.64 41.62 38.02
N SER H 201 14.16 42.64 42.36
CA SER H 201 13.84 42.99 43.74
C SER H 201 12.46 42.49 44.11
N PRO H 202 11.41 43.15 43.58
CA PRO H 202 10.05 42.62 43.77
C PRO H 202 9.96 41.23 43.15
N GLU H 203 10.76 41.00 42.12
CA GLU H 203 10.90 39.69 41.52
C GLU H 203 11.26 38.65 42.57
N ILE H 204 12.28 38.96 43.37
CA ILE H 204 12.69 38.09 44.46
C ILE H 204 11.54 37.86 45.42
N SER H 205 10.77 38.92 45.67
CA SER H 205 9.60 38.83 46.53
C SER H 205 8.54 37.91 45.95
N THR H 206 8.34 38.02 44.63
CA THR H 206 7.37 37.20 43.92
C THR H 206 7.76 35.71 43.97
N TRP H 207 9.03 35.45 43.72
CA TRP H 207 9.57 34.09 43.68
C TRP H 207 9.29 33.34 44.98
N ASN H 208 9.52 34.01 46.11
CA ASN H 208 9.26 33.42 47.41
C ASN H 208 7.81 32.97 47.50
N GLU H 209 6.92 33.81 46.99
CA GLU H 209 5.48 33.59 47.08
C GLU H 209 5.06 32.37 46.27
N ILE H 210 5.60 32.26 45.06
CA ILE H 210 5.33 31.10 44.22
C ILE H 210 5.86 29.84 44.87
N TYR H 211 7.15 29.87 45.24
CA TYR H 211 7.83 28.73 45.83
C TYR H 211 7.06 28.17 47.01
N ASP H 212 6.59 29.07 47.88
CA ASP H 212 5.82 28.67 49.04
C ASP H 212 4.51 28.04 48.59
N LYS H 213 3.92 28.61 47.54
CA LYS H 213 2.62 28.15 47.04
C LYS H 213 2.72 26.76 46.41
N LEU H 214 3.80 26.51 45.70
CA LEU H 214 4.03 25.20 45.11
C LEU H 214 4.18 24.14 46.20
N PHE H 215 5.03 24.42 47.18
CA PHE H 215 5.40 23.46 48.21
C PHE H 215 4.19 22.81 48.86
N THR H 216 3.19 23.62 49.21
CA THR H 216 2.03 23.16 49.96
C THR H 216 1.41 21.88 49.39
N SER H 217 1.09 21.92 48.11
CA SER H 217 0.51 20.77 47.40
C SER H 217 1.40 19.54 47.51
N LEU H 218 2.69 19.72 47.27
CA LEU H 218 3.65 18.65 47.40
C LEU H 218 3.82 18.22 48.87
N GLU H 219 3.91 19.20 49.78
CA GLU H 219 4.30 18.99 51.17
C GLU H 219 3.76 17.72 51.81
N SER H 220 2.47 17.47 51.63
CA SER H 220 1.88 16.25 52.13
C SER H 220 2.22 15.07 51.23
N LYS H 221 2.33 15.33 49.93
CA LYS H 221 2.35 14.27 48.92
C LYS H 221 3.69 13.99 48.28
N ILE H 222 4.78 14.56 48.79
CA ILE H 222 6.10 14.16 48.32
C ILE H 222 6.29 12.70 48.71
N GLN H 223 7.13 11.98 47.98
CA GLN H 223 7.35 10.53 48.12
C GLN H 223 6.16 9.76 47.60
N LEU H 224 5.22 10.49 47.02
CA LEU H 224 4.21 9.91 46.13
C LEU H 224 4.87 9.91 44.76
N ILE H 225 5.90 10.75 44.65
CA ILE H 225 6.74 10.86 43.48
C ILE H 225 7.29 9.51 43.04
N PHE H 226 8.08 8.91 43.90
CA PHE H 226 8.70 7.62 43.63
C PHE H 226 7.64 6.60 43.22
N PRO H 227 7.90 5.89 42.11
CA PRO H 227 6.93 5.02 41.47
C PRO H 227 6.70 3.71 42.22
N PRO H 228 5.48 3.18 42.16
CA PRO H 228 5.13 1.88 42.73
C PRO H 228 6.03 0.78 42.19
N ARG H 229 6.20 -0.30 42.96
CA ARG H 229 7.14 -1.36 42.62
C ARG H 229 6.73 -2.15 41.38
N GLU H 230 5.43 -2.42 41.25
CA GLU H 230 4.92 -3.13 40.08
C GLU H 230 5.26 -2.39 38.79
N TYR H 231 5.04 -1.08 38.79
CA TYR H 231 5.42 -0.20 37.68
C TYR H 231 6.86 -0.43 37.28
N ASN H 232 7.77 -0.24 38.23
CA ASN H 232 9.19 -0.47 37.98
C ASN H 232 9.47 -1.87 37.48
N ASP H 233 8.73 -2.83 38.02
CA ASP H 233 8.87 -4.23 37.59
C ASP H 233 8.45 -4.40 36.14
N HIS H 234 7.38 -3.71 35.75
CA HIS H 234 6.85 -3.86 34.40
C HIS H 234 7.80 -3.23 33.39
N ILE H 235 8.30 -2.04 33.71
CA ILE H 235 9.29 -1.40 32.86
C ILE H 235 10.55 -2.24 32.82
N MET H 236 11.00 -2.69 33.98
CA MET H 236 12.22 -3.48 34.07
C MET H 236 12.13 -4.78 33.25
N ARG H 237 10.93 -5.33 33.14
CA ARG H 237 10.76 -6.56 32.37
C ARG H 237 10.90 -6.25 30.89
N LEU H 238 10.52 -5.04 30.50
CA LEU H 238 10.57 -4.64 29.09
C LEU H 238 11.98 -4.23 28.64
N GLN H 239 12.89 -4.04 29.60
CA GLN H 239 14.28 -3.67 29.29
C GLN H 239 15.17 -3.74 30.52
N ASN H 240 16.41 -4.20 30.35
CA ASN H 240 17.39 -4.30 31.44
C ASN H 240 16.88 -5.14 32.60
N MET H 244 16.02 0.43 36.99
CA MET H 244 15.28 1.67 36.78
C MET H 244 16.14 2.89 37.08
N ASP H 245 16.27 3.76 36.09
CA ASP H 245 16.99 5.01 36.28
C ASP H 245 16.05 6.01 36.93
N GLU H 246 16.29 6.32 38.19
CA GLU H 246 15.45 7.30 38.89
C GLU H 246 16.23 8.59 39.14
N ALA H 247 17.34 8.76 38.43
CA ALA H 247 18.17 9.96 38.55
C ALA H 247 17.35 11.22 38.30
N TYR H 248 16.30 11.09 37.51
CA TYR H 248 15.42 12.21 37.20
C TYR H 248 14.63 12.63 38.43
N ILE H 249 14.34 11.67 39.30
CA ILE H 249 13.63 11.98 40.54
C ILE H 249 14.54 12.68 41.53
N TRP H 250 15.75 12.17 41.69
CA TRP H 250 16.67 12.76 42.63
C TRP H 250 17.11 14.13 42.15
N GLN H 251 17.38 14.26 40.84
CA GLN H 251 17.78 15.53 40.26
C GLN H 251 16.72 16.59 40.54
N PHE H 252 15.47 16.14 40.63
CA PHE H 252 14.34 17.01 40.94
C PHE H 252 14.38 17.45 42.39
N LEU H 253 14.53 16.49 43.29
CA LEU H 253 14.54 16.75 44.73
C LEU H 253 15.74 17.61 45.12
N ALA H 254 16.84 17.44 44.39
CA ALA H 254 18.01 18.27 44.58
C ALA H 254 17.70 19.69 44.12
N SER H 255 16.97 19.79 43.02
CA SER H 255 16.64 21.09 42.43
C SER H 255 15.69 21.88 43.32
N LEU H 256 14.68 21.20 43.86
CA LEU H 256 13.67 21.86 44.66
C LEU H 256 14.25 22.35 45.99
N ALA H 257 15.17 21.59 46.55
CA ALA H 257 15.82 21.97 47.80
C ALA H 257 16.64 23.25 47.59
N LEU H 258 17.56 23.20 46.64
CA LEU H 258 18.39 24.36 46.31
C LEU H 258 17.56 25.50 45.73
N LYS H 261 13.89 29.06 52.98
CA LYS H 261 13.38 27.72 52.72
C LYS H 261 14.20 26.66 53.43
N LEU H 262 14.42 26.86 54.73
CA LEU H 262 15.18 25.90 55.53
C LEU H 262 14.25 24.85 56.11
N ASN H 263 13.14 25.30 56.70
CA ASN H 263 12.09 24.40 57.15
C ASN H 263 11.60 23.59 55.97
N HIS H 264 11.62 24.24 54.81
CA HIS H 264 11.34 23.58 53.55
C HIS H 264 12.31 22.43 53.34
N GLN H 265 13.60 22.67 53.55
CA GLN H 265 14.62 21.62 53.40
C GLN H 265 14.35 20.46 54.33
N ARG H 266 13.80 20.76 55.50
CA ARG H 266 13.53 19.74 56.51
C ARG H 266 12.39 18.82 56.07
N ILE H 267 11.29 19.41 55.60
CA ILE H 267 10.12 18.63 55.18
C ILE H 267 10.48 17.66 54.07
N ILE H 268 11.32 18.11 53.14
CA ILE H 268 11.74 17.26 52.03
C ILE H 268 12.51 16.07 52.53
N ILE H 269 13.57 16.33 53.29
CA ILE H 269 14.46 15.30 53.78
C ILE H 269 13.72 14.38 54.77
N ASP H 270 12.46 14.70 55.05
CA ASP H 270 11.65 13.93 55.99
C ASP H 270 10.87 12.83 55.29
N GLU H 271 10.02 13.23 54.35
CA GLU H 271 9.11 12.29 53.71
C GLU H 271 9.82 11.35 52.75
N VAL H 272 11.02 11.74 52.34
CA VAL H 272 11.80 10.95 51.41
C VAL H 272 12.88 10.18 52.17
N ARG H 273 13.06 10.52 53.44
CA ARG H 273 14.09 9.91 54.30
C ARG H 273 14.11 8.39 54.21
N ASP H 274 12.98 7.76 54.49
CA ASP H 274 12.88 6.30 54.45
C ASP H 274 13.17 5.75 53.06
N GLU H 275 12.79 6.50 52.03
CA GLU H 275 13.11 6.13 50.65
C GLU H 275 14.62 6.24 50.42
N ILE H 276 15.24 7.23 51.05
CA ILE H 276 16.70 7.32 51.08
C ILE H 276 17.23 6.15 51.90
N PHE H 277 16.58 5.88 53.02
CA PHE H 277 16.95 4.75 53.88
C PHE H 277 16.72 3.42 53.16
N ALA H 278 15.67 3.37 52.32
CA ALA H 278 15.39 2.17 51.54
C ALA H 278 16.34 2.04 50.36
N THR H 279 16.63 3.16 49.70
CA THR H 279 17.54 3.17 48.55
C THR H 279 18.97 2.87 48.97
N ILE H 280 19.38 3.39 50.11
CA ILE H 280 20.71 3.08 50.65
C ILE H 280 20.72 1.64 51.15
N ASN H 281 19.57 1.18 51.66
CA ASN H 281 19.41 -0.22 51.98
C ASN H 281 19.25 -1.04 50.71
N GLU H 282 18.86 -0.36 49.65
CA GLU H 282 18.67 -0.98 48.35
C GLU H 282 20.00 -1.58 47.96
N ALA H 283 21.09 -0.94 48.37
CA ALA H 283 22.39 -1.45 48.03
C ALA H 283 22.60 -2.52 49.06
N GLU H 284 21.74 -3.52 48.96
CA GLU H 284 21.70 -4.63 49.89
C GLU H 284 22.60 -5.71 49.34
N THR H 285 23.29 -5.38 48.27
CA THR H 285 24.15 -6.32 47.60
C THR H 285 25.55 -5.73 47.41
N LEU H 286 26.55 -6.49 47.83
CA LEU H 286 27.93 -6.21 47.50
C LEU H 286 28.57 -7.53 47.08
N GLN H 287 29.11 -7.56 45.87
CA GLN H 287 29.64 -8.76 45.22
C GLN H 287 28.55 -9.80 44.92
N ILE H 310 29.18 -10.65 35.36
CA ILE H 310 28.09 -9.72 35.62
C ILE H 310 28.59 -8.27 35.68
N ILE H 311 29.50 -8.01 36.60
CA ILE H 311 30.05 -6.67 36.81
C ILE H 311 28.94 -5.64 37.00
N TYR H 312 28.03 -5.92 37.93
CA TYR H 312 26.84 -5.09 38.16
C TYR H 312 27.18 -3.63 38.44
N ASN H 313 26.45 -2.73 37.79
CA ASN H 313 26.69 -1.30 37.92
C ASN H 313 26.00 -0.68 39.12
N LYS H 314 26.56 -0.90 40.30
CA LYS H 314 26.02 -0.31 41.52
C LYS H 314 26.35 1.17 41.59
N GLU H 315 27.36 1.57 40.82
CA GLU H 315 27.82 2.96 40.78
C GLU H 315 26.70 3.92 40.41
N LYS H 316 25.84 3.48 39.49
CA LYS H 316 24.73 4.30 39.00
C LYS H 316 23.77 4.72 40.11
N LEU H 317 23.35 3.74 40.91
CA LEU H 317 22.36 4.00 41.97
C LEU H 317 22.92 4.94 43.03
N TYR H 318 24.19 4.80 43.36
CA TYR H 318 24.82 5.66 44.35
C TYR H 318 24.98 7.07 43.84
N GLN H 319 25.24 7.20 42.54
CA GLN H 319 25.45 8.51 41.90
C GLN H 319 24.22 9.43 41.99
N ASP H 320 23.04 8.86 41.72
CA ASP H 320 21.79 9.62 41.75
C ASP H 320 21.55 10.23 43.13
N LEU H 321 21.58 9.38 44.15
CA LEU H 321 21.40 9.82 45.53
C LEU H 321 22.54 10.77 45.93
N ASN H 322 23.75 10.50 45.46
CA ASN H 322 24.90 11.35 45.73
C ASN H 322 24.73 12.72 45.09
N LEU H 323 24.12 12.76 43.91
CA LEU H 323 23.85 14.01 43.23
C LEU H 323 22.87 14.86 44.04
N PHE H 324 21.92 14.19 44.68
CA PHE H 324 20.99 14.84 45.59
C PHE H 324 21.72 15.39 46.82
N LEU H 325 22.46 14.52 47.51
CA LEU H 325 23.08 14.89 48.77
C LEU H 325 24.21 15.90 48.61
N ASN H 326 24.99 15.76 47.53
CA ASN H 326 26.04 16.73 47.24
C ASN H 326 25.44 18.13 47.10
N VAL H 327 24.29 18.19 46.42
CA VAL H 327 23.55 19.43 46.26
C VAL H 327 23.04 19.92 47.62
N MET H 328 22.17 19.13 48.23
CA MET H 328 21.63 19.44 49.54
C MET H 328 20.91 18.22 50.14
CO CO I . 3.54 -13.55 1.25
CO CO J . 13.79 2.56 44.87
#